data_9CYB
#
_entry.id   9CYB
#
_cell.length_a   66.455
_cell.length_b   71.073
_cell.length_c   176.118
_cell.angle_alpha   90.000
_cell.angle_beta   90.000
_cell.angle_gamma   90.000
#
_symmetry.space_group_name_H-M   'P 2 21 21'
#
loop_
_entity.id
_entity.type
_entity.pdbx_description
1 polymer 'Papain-like protease'
2 non-polymer [(3R)-1-cyclopentylpiperidin-3-yl](6-methoxynaphthalen-2-yl)methanone
3 non-polymer 'SUCCINIC ACID'
4 water water
#
_entity_poly.entity_id   1
_entity_poly.type   'polypeptide(L)'
_entity_poly.pdbx_seq_one_letter_code
;SNAEVRTIKVFTTVDNINLHTQVVDMSMTYGQQFGPTYLDGADVTKIKPHNSHEGKTFYVLPNDDTLRVEAFEYYHTTDP
SFLGRYMSALNHTKKWKYPQVNGLTSIKWADNNSYLATALLTLQQIELKFNPPALQDAYYRARAGEAANFCALILAYCNK
TVGELGDVRETMSYLFQHANLDSCKRVLNVVCKTCGQQQTTLKGVEAVMYMGTLSYEQFKKGVQIPCTCGKQATKYLVQQ
ESPFVMMSAPPAQYELKHGTFTCASEYTGNYQCGHYKHITSKETLYCIDGALLTKSSEYKGPITDVFYKENSYTTTIK
;
_entity_poly.pdbx_strand_id   A,B
#
loop_
_chem_comp.id
_chem_comp.type
_chem_comp.name
_chem_comp.formula
A1A0T non-polymer [(3R)-1-cyclopentylpiperidin-3-yl](6-methoxynaphthalen-2-yl)methanone 'C22 H27 N O2'
SIN non-polymer 'SUCCINIC ACID' 'C4 H6 O4'
#
# COMPACT_ATOMS: atom_id res chain seq x y z
N VAL A 5 7.25 -24.42 -45.05
CA VAL A 5 6.91 -23.43 -44.03
C VAL A 5 8.17 -22.87 -43.37
N ARG A 6 8.43 -21.59 -43.60
CA ARG A 6 9.57 -20.93 -42.97
C ARG A 6 9.25 -20.61 -41.51
N THR A 7 10.23 -20.83 -40.64
CA THR A 7 10.06 -20.56 -39.21
C THR A 7 11.38 -20.07 -38.64
N ILE A 8 11.26 -19.38 -37.49
CA ILE A 8 12.39 -19.03 -36.65
C ILE A 8 12.01 -19.38 -35.21
N LYS A 9 13.02 -19.46 -34.35
CA LYS A 9 12.80 -19.66 -32.92
C LYS A 9 12.97 -18.32 -32.21
N VAL A 10 11.98 -17.96 -31.39
CA VAL A 10 12.05 -16.78 -30.55
C VAL A 10 11.75 -17.21 -29.11
N PHE A 11 11.98 -16.28 -28.18
CA PHE A 11 11.60 -16.47 -26.78
C PHE A 11 10.46 -15.52 -26.45
N THR A 12 9.43 -16.03 -25.78
CA THR A 12 8.38 -15.20 -25.23
C THR A 12 8.55 -15.13 -23.71
N THR A 13 8.03 -14.06 -23.12
CA THR A 13 8.19 -13.84 -21.70
C THR A 13 7.18 -12.80 -21.24
N VAL A 14 6.90 -12.81 -19.94
CA VAL A 14 6.23 -11.68 -19.29
C VAL A 14 7.13 -10.98 -18.28
N ASP A 15 8.23 -11.60 -17.88
CA ASP A 15 9.09 -11.06 -16.84
C ASP A 15 10.55 -10.91 -17.26
N ASN A 16 10.95 -11.42 -18.43
CA ASN A 16 12.32 -11.46 -18.89
C ASN A 16 13.23 -12.24 -17.95
N ILE A 17 12.66 -13.08 -17.10
CA ILE A 17 13.40 -13.98 -16.24
C ILE A 17 13.19 -15.43 -16.66
N ASN A 18 11.95 -15.79 -16.94
CA ASN A 18 11.57 -17.10 -17.43
C ASN A 18 11.28 -16.96 -18.91
N LEU A 19 12.12 -17.59 -19.74
CA LEU A 19 12.01 -17.47 -21.18
C LEU A 19 11.40 -18.76 -21.74
N HIS A 20 10.44 -18.60 -22.65
CA HIS A 20 9.68 -19.72 -23.20
C HIS A 20 9.96 -19.78 -24.70
N THR A 21 10.65 -20.83 -25.13
CA THR A 21 11.01 -20.99 -26.53
C THR A 21 9.74 -21.20 -27.37
N GLN A 22 9.65 -20.50 -28.50
CA GLN A 22 8.52 -20.63 -29.39
C GLN A 22 9.01 -20.75 -30.83
N VAL A 23 8.27 -21.53 -31.62
CA VAL A 23 8.50 -21.69 -33.05
C VAL A 23 7.43 -20.85 -33.76
N VAL A 24 7.85 -19.85 -34.52
CA VAL A 24 6.92 -18.89 -35.11
C VAL A 24 6.89 -19.08 -36.61
N ASP A 25 5.67 -19.11 -37.16
CA ASP A 25 5.48 -19.19 -38.60
C ASP A 25 5.70 -17.80 -39.19
N MET A 26 6.71 -17.68 -40.06
CA MET A 26 7.08 -16.38 -40.61
C MET A 26 6.04 -15.83 -41.57
N SER A 27 4.98 -16.57 -41.88
CA SER A 27 3.94 -16.11 -42.78
C SER A 27 2.78 -15.44 -42.06
N MET A 28 2.79 -15.47 -40.74
CA MET A 28 1.74 -14.87 -39.92
C MET A 28 2.35 -13.80 -39.02
N THR A 29 1.48 -12.90 -38.54
CA THR A 29 1.90 -11.88 -37.61
C THR A 29 2.07 -12.46 -36.21
N TYR A 30 2.89 -11.79 -35.40
CA TYR A 30 3.00 -12.17 -34.00
C TYR A 30 1.64 -12.18 -33.32
N GLY A 31 0.78 -11.22 -33.65
CA GLY A 31 -0.54 -11.18 -33.04
C GLY A 31 -1.36 -12.42 -33.32
N GLN A 32 -1.25 -12.95 -34.54
CA GLN A 32 -2.00 -14.15 -34.89
C GLN A 32 -1.57 -15.34 -34.04
N GLN A 33 -0.29 -15.42 -33.70
CA GLN A 33 0.27 -16.57 -33.01
C GLN A 33 0.33 -16.40 -31.50
N PHE A 34 0.69 -15.21 -31.02
CA PHE A 34 0.88 -14.97 -29.60
C PHE A 34 -0.16 -14.08 -28.96
N GLY A 35 -0.93 -13.34 -29.76
CA GLY A 35 -1.67 -12.22 -29.25
C GLY A 35 -0.76 -11.00 -29.23
N PRO A 36 -1.15 -9.96 -28.52
CA PRO A 36 -0.31 -8.76 -28.46
C PRO A 36 1.14 -9.08 -28.06
N THR A 37 2.08 -8.63 -28.87
CA THR A 37 3.49 -8.97 -28.72
C THR A 37 4.33 -7.71 -28.82
N TYR A 38 5.42 -7.65 -28.04
CA TYR A 38 6.27 -6.48 -27.99
C TYR A 38 7.73 -6.90 -28.07
N LEU A 39 8.53 -6.09 -28.79
CA LEU A 39 9.98 -6.26 -28.88
C LEU A 39 10.62 -5.01 -28.30
N ASP A 40 11.25 -5.13 -27.13
CA ASP A 40 11.87 -3.99 -26.45
C ASP A 40 10.89 -2.83 -26.36
N GLY A 41 9.65 -3.13 -25.97
CA GLY A 41 8.62 -2.13 -25.83
C GLY A 41 7.85 -1.80 -27.09
N ALA A 42 8.40 -2.11 -28.26
CA ALA A 42 7.73 -1.79 -29.52
C ALA A 42 6.65 -2.83 -29.79
N ASP A 43 5.47 -2.34 -30.17
CA ASP A 43 4.33 -3.21 -30.47
C ASP A 43 4.54 -3.85 -31.84
N VAL A 44 4.85 -5.14 -31.84
CA VAL A 44 5.07 -5.87 -33.09
C VAL A 44 3.91 -6.83 -33.38
N THR A 45 2.75 -6.57 -32.77
CA THR A 45 1.59 -7.44 -32.96
C THR A 45 1.27 -7.66 -34.43
N LYS A 46 1.32 -6.58 -35.23
CA LYS A 46 0.91 -6.63 -36.63
C LYS A 46 2.06 -6.93 -37.57
N ILE A 47 3.23 -7.26 -37.04
CA ILE A 47 4.43 -7.45 -37.85
C ILE A 47 4.64 -8.94 -38.07
N LYS A 48 5.08 -9.28 -39.27
CA LYS A 48 5.52 -10.64 -39.55
C LYS A 48 6.97 -10.80 -39.09
N PRO A 49 7.33 -11.99 -38.61
CA PRO A 49 8.70 -12.18 -38.13
C PRO A 49 9.73 -11.86 -39.20
N HIS A 50 10.85 -11.28 -38.78
CA HIS A 50 12.03 -11.09 -39.61
C HIS A 50 13.11 -12.08 -39.18
N ASN A 51 14.05 -12.33 -40.08
CA ASN A 51 15.19 -13.19 -39.74
C ASN A 51 16.05 -12.58 -38.66
N SER A 52 16.06 -11.24 -38.54
CA SER A 52 16.74 -10.60 -37.44
C SER A 52 16.09 -10.93 -36.10
N HIS A 53 14.81 -11.32 -36.12
CA HIS A 53 14.11 -11.61 -34.87
C HIS A 53 14.53 -12.95 -34.27
N GLU A 54 15.19 -13.80 -35.06
CA GLU A 54 15.56 -15.13 -34.57
C GLU A 54 16.40 -15.00 -33.30
N GLY A 55 16.01 -15.78 -32.28
CA GLY A 55 16.72 -15.77 -31.02
C GLY A 55 16.39 -14.64 -30.08
N LYS A 56 15.55 -13.69 -30.49
CA LYS A 56 15.25 -12.55 -29.65
C LYS A 56 14.14 -12.86 -28.65
N THR A 57 14.06 -12.06 -27.59
CA THR A 57 13.05 -12.22 -26.56
C THR A 57 11.93 -11.20 -26.81
N PHE A 58 10.69 -11.70 -26.83
CA PHE A 58 9.50 -10.87 -27.01
C PHE A 58 8.64 -10.95 -25.77
N TYR A 59 8.09 -9.81 -25.35
CA TYR A 59 7.09 -9.81 -24.29
C TYR A 59 5.71 -10.10 -24.87
N VAL A 60 4.91 -10.86 -24.13
CA VAL A 60 3.53 -11.14 -24.51
C VAL A 60 2.63 -10.84 -23.32
N LEU A 61 1.34 -10.72 -23.59
CA LEU A 61 0.40 -10.51 -22.49
C LEU A 61 0.11 -11.83 -21.79
N PRO A 62 -0.10 -11.82 -20.48
CA PRO A 62 -0.27 -13.09 -19.76
C PRO A 62 -1.61 -13.72 -20.10
N ASN A 63 -1.63 -14.59 -21.11
CA ASN A 63 -2.87 -15.20 -21.58
C ASN A 63 -3.19 -16.55 -20.96
N ASP A 64 -2.23 -17.22 -20.34
CA ASP A 64 -2.50 -18.52 -19.71
C ASP A 64 -2.09 -18.48 -18.24
N ASP A 65 -2.50 -19.53 -17.50
CA ASP A 65 -2.20 -19.58 -16.07
C ASP A 65 -0.71 -19.49 -15.80
N THR A 66 0.10 -20.14 -16.63
CA THR A 66 1.54 -20.12 -16.39
C THR A 66 2.09 -18.71 -16.46
N LEU A 67 1.74 -17.98 -17.53
CA LEU A 67 2.22 -16.61 -17.67
C LEU A 67 1.59 -15.68 -16.65
N ARG A 68 0.31 -15.91 -16.32
CA ARG A 68 -0.35 -15.10 -15.31
C ARG A 68 0.35 -15.21 -13.97
N VAL A 69 0.73 -16.43 -13.57
CA VAL A 69 1.48 -16.62 -12.33
C VAL A 69 2.84 -15.94 -12.42
N GLU A 70 3.57 -16.16 -13.53
CA GLU A 70 4.88 -15.53 -13.65
C GLU A 70 4.77 -14.01 -13.56
N ALA A 71 3.75 -13.43 -14.19
CA ALA A 71 3.60 -11.97 -14.14
C ALA A 71 3.28 -11.51 -12.72
N PHE A 72 2.35 -12.19 -12.05
CA PHE A 72 2.00 -11.77 -10.70
C PHE A 72 3.19 -11.89 -9.76
N GLU A 73 3.95 -12.98 -9.86
CA GLU A 73 5.11 -13.15 -9.00
C GLU A 73 6.17 -12.07 -9.25
N TYR A 74 6.24 -11.54 -10.47
CA TYR A 74 7.29 -10.56 -10.77
C TYR A 74 6.81 -9.13 -10.52
N TYR A 75 5.58 -8.79 -10.88
CA TYR A 75 5.10 -7.42 -10.78
C TYR A 75 4.25 -7.16 -9.55
N HIS A 76 3.68 -8.20 -8.93
CA HIS A 76 2.83 -8.08 -7.74
C HIS A 76 1.59 -7.23 -8.00
N THR A 77 1.05 -7.28 -9.22
CA THR A 77 -0.21 -6.65 -9.54
C THR A 77 -1.02 -7.61 -10.39
N THR A 78 -2.34 -7.57 -10.21
CA THR A 78 -3.27 -8.33 -11.02
C THR A 78 -3.87 -7.50 -12.14
N ASP A 79 -3.50 -6.23 -12.23
CA ASP A 79 -4.05 -5.34 -13.24
C ASP A 79 -3.71 -5.88 -14.62
N PRO A 80 -4.70 -6.33 -15.41
CA PRO A 80 -4.38 -6.91 -16.72
C PRO A 80 -3.81 -5.92 -17.70
N SER A 81 -3.92 -4.62 -17.43
CA SER A 81 -3.41 -3.59 -18.30
C SER A 81 -1.94 -3.25 -18.04
N PHE A 82 -1.39 -3.72 -16.93
CA PHE A 82 -0.05 -3.29 -16.51
C PHE A 82 0.99 -3.52 -17.60
N LEU A 83 1.11 -4.76 -18.08
CA LEU A 83 2.20 -5.07 -19.00
C LEU A 83 2.15 -4.20 -20.25
N GLY A 84 0.95 -3.97 -20.80
CA GLY A 84 0.83 -3.13 -21.97
C GLY A 84 1.23 -1.68 -21.69
N ARG A 85 0.84 -1.15 -20.53
CA ARG A 85 1.25 0.21 -20.17
C ARG A 85 2.75 0.28 -19.91
N TYR A 86 3.31 -0.76 -19.29
CA TYR A 86 4.75 -0.85 -19.10
C TYR A 86 5.49 -0.82 -20.43
N MET A 87 5.05 -1.66 -21.38
CA MET A 87 5.70 -1.70 -22.69
C MET A 87 5.53 -0.37 -23.43
N SER A 88 4.33 0.23 -23.36
CA SER A 88 4.12 1.52 -24.02
C SER A 88 5.10 2.57 -23.51
N ALA A 89 5.34 2.59 -22.20
CA ALA A 89 6.28 3.55 -21.64
C ALA A 89 7.71 3.20 -22.02
N LEU A 90 8.06 1.92 -21.98
CA LEU A 90 9.45 1.52 -22.25
C LEU A 90 9.87 1.89 -23.67
N ASN A 91 8.93 1.81 -24.63
CA ASN A 91 9.26 2.19 -25.99
C ASN A 91 9.79 3.63 -26.06
N HIS A 92 9.34 4.49 -25.15
CA HIS A 92 9.84 5.85 -25.08
C HIS A 92 11.06 5.95 -24.19
N THR A 93 10.99 5.40 -22.97
CA THR A 93 12.07 5.65 -22.01
C THR A 93 13.38 5.04 -22.48
N LYS A 94 13.31 4.00 -23.32
CA LYS A 94 14.54 3.42 -23.85
C LYS A 94 15.30 4.40 -24.73
N LYS A 95 14.61 5.40 -25.28
CA LYS A 95 15.23 6.38 -26.15
C LYS A 95 15.71 7.61 -25.37
N TRP A 96 15.37 7.72 -24.11
CA TRP A 96 15.91 8.81 -23.30
C TRP A 96 17.39 8.58 -23.04
N LYS A 97 18.09 9.66 -22.70
CA LYS A 97 19.49 9.59 -22.32
C LYS A 97 19.63 9.69 -20.81
N TYR A 98 20.54 8.89 -20.26
CA TYR A 98 20.71 8.73 -18.82
C TYR A 98 22.16 9.05 -18.46
N PRO A 99 22.52 10.32 -18.44
CA PRO A 99 23.89 10.69 -18.06
C PRO A 99 24.18 10.45 -16.58
N GLN A 100 25.43 10.09 -16.31
CA GLN A 100 25.94 10.08 -14.94
C GLN A 100 26.31 11.51 -14.57
N VAL A 101 25.72 12.02 -13.50
CA VAL A 101 25.92 13.39 -13.06
C VAL A 101 26.25 13.36 -11.57
N ASN A 102 27.49 13.72 -11.24
CA ASN A 102 27.93 13.75 -9.84
C ASN A 102 27.70 12.38 -9.20
N GLY A 103 28.05 11.33 -9.95
CA GLY A 103 27.94 9.97 -9.45
C GLY A 103 26.56 9.36 -9.43
N LEU A 104 25.54 10.06 -9.92
CA LEU A 104 24.17 9.59 -9.92
C LEU A 104 23.63 9.48 -11.33
N THR A 105 22.75 8.50 -11.54
CA THR A 105 22.08 8.36 -12.83
C THR A 105 20.93 9.37 -12.92
N SER A 106 20.97 10.23 -13.94
CA SER A 106 19.95 11.24 -14.19
C SER A 106 19.30 10.97 -15.54
N ILE A 107 18.42 11.86 -15.96
CA ILE A 107 17.75 11.76 -17.25
C ILE A 107 17.83 13.11 -17.94
N LYS A 108 18.32 13.10 -19.19
CA LYS A 108 18.25 14.29 -20.01
C LYS A 108 16.80 14.62 -20.30
N TRP A 109 16.46 15.91 -20.30
CA TRP A 109 15.05 16.29 -20.35
C TRP A 109 14.41 15.82 -21.66
N ALA A 110 13.21 15.26 -21.52
CA ALA A 110 12.35 14.87 -22.63
C ALA A 110 10.99 14.53 -22.05
N ASP A 111 9.95 14.74 -22.87
CA ASP A 111 8.61 14.21 -22.58
C ASP A 111 8.16 14.57 -21.16
N ASN A 112 8.40 15.81 -20.77
CA ASN A 112 7.99 16.29 -19.46
C ASN A 112 8.47 15.38 -18.33
N ASN A 113 9.75 15.00 -18.35
CA ASN A 113 10.23 14.00 -17.40
C ASN A 113 11.09 14.59 -16.28
N SER A 114 11.04 15.90 -16.06
CA SER A 114 11.86 16.46 -14.98
C SER A 114 11.49 15.86 -13.64
N TYR A 115 10.20 15.59 -13.40
CA TYR A 115 9.80 14.99 -12.13
C TYR A 115 10.36 13.59 -11.97
N LEU A 116 10.45 12.84 -13.07
CA LEU A 116 10.99 11.49 -13.01
C LEU A 116 12.49 11.50 -12.77
N ALA A 117 13.22 12.43 -13.40
CA ALA A 117 14.65 12.55 -13.11
C ALA A 117 14.86 12.87 -11.64
N THR A 118 14.09 13.81 -11.11
CA THR A 118 14.24 14.19 -9.71
C THR A 118 13.91 13.03 -8.78
N ALA A 119 12.82 12.29 -9.08
CA ALA A 119 12.53 11.10 -8.30
C ALA A 119 13.63 10.05 -8.44
N LEU A 120 14.11 9.82 -9.66
CA LEU A 120 15.18 8.83 -9.89
C LEU A 120 16.41 9.19 -9.08
N LEU A 121 16.81 10.46 -9.10
CA LEU A 121 17.95 10.90 -8.30
C LEU A 121 17.71 10.67 -6.81
N THR A 122 16.51 11.01 -6.33
CA THR A 122 16.22 10.81 -4.91
C THR A 122 16.28 9.33 -4.55
N LEU A 123 15.71 8.47 -5.38
CA LEU A 123 15.66 7.05 -5.08
C LEU A 123 17.04 6.45 -4.91
N GLN A 124 18.06 7.03 -5.55
CA GLN A 124 19.42 6.54 -5.42
C GLN A 124 20.10 7.01 -4.14
N GLN A 125 19.46 7.87 -3.35
CA GLN A 125 20.07 8.40 -2.14
C GLN A 125 19.37 7.95 -0.87
N ILE A 126 18.32 7.14 -0.98
CA ILE A 126 17.62 6.61 0.18
C ILE A 126 17.55 5.08 0.08
N GLU A 127 17.46 4.43 1.23
CA GLU A 127 17.47 2.99 1.34
C GLU A 127 16.06 2.47 1.19
N LEU A 128 15.78 1.77 0.10
CA LEU A 128 14.43 1.29 -0.18
C LEU A 128 14.47 -0.17 -0.62
N LYS A 129 13.62 -0.99 0.00
CA LYS A 129 13.48 -2.41 -0.34
C LYS A 129 12.14 -2.61 -1.02
N PHE A 130 12.15 -2.69 -2.35
CA PHE A 130 10.91 -2.89 -3.10
C PHE A 130 10.41 -4.32 -2.96
N ASN A 131 9.08 -4.46 -2.89
CA ASN A 131 8.49 -5.79 -2.77
C ASN A 131 8.39 -6.50 -4.12
N PRO A 132 7.91 -5.86 -5.18
CA PRO A 132 7.88 -6.55 -6.49
C PRO A 132 9.29 -6.77 -7.00
N PRO A 133 9.65 -8.01 -7.34
CA PRO A 133 10.98 -8.24 -7.93
C PRO A 133 11.25 -7.35 -9.12
N ALA A 134 10.22 -7.02 -9.90
CA ALA A 134 10.44 -6.16 -11.06
C ALA A 134 11.06 -4.84 -10.64
N LEU A 135 10.58 -4.26 -9.54
CA LEU A 135 11.13 -2.98 -9.10
C LEU A 135 12.49 -3.14 -8.45
N GLN A 136 12.67 -4.19 -7.64
CA GLN A 136 13.98 -4.37 -7.01
C GLN A 136 15.06 -4.56 -8.06
N ASP A 137 14.78 -5.39 -9.08
CA ASP A 137 15.76 -5.64 -10.14
C ASP A 137 16.08 -4.34 -10.90
N ALA A 138 15.04 -3.65 -11.38
CA ALA A 138 15.28 -2.49 -12.22
C ALA A 138 15.87 -1.34 -11.42
N TYR A 139 15.52 -1.25 -10.13
CA TYR A 139 16.15 -0.31 -9.22
C TYR A 139 17.67 -0.49 -9.23
N TYR A 140 18.13 -1.72 -9.03
CA TYR A 140 19.58 -1.94 -9.01
C TYR A 140 20.22 -1.74 -10.36
N ARG A 141 19.50 -2.01 -11.45
CA ARG A 141 20.03 -1.68 -12.77
C ARG A 141 20.12 -0.16 -12.95
N ALA A 142 19.07 0.57 -12.58
CA ALA A 142 19.07 2.02 -12.75
C ALA A 142 20.23 2.63 -11.97
N ARG A 143 20.47 2.13 -10.77
CA ARG A 143 21.58 2.60 -9.94
C ARG A 143 22.92 2.35 -10.60
N ALA A 144 22.99 1.42 -11.55
CA ALA A 144 24.21 1.14 -12.29
C ALA A 144 24.26 1.84 -13.64
N GLY A 145 23.28 2.68 -13.96
CA GLY A 145 23.27 3.46 -15.18
C GLY A 145 22.22 3.05 -16.21
N GLU A 146 21.61 1.87 -16.06
CA GLU A 146 20.60 1.39 -17.01
C GLU A 146 19.24 1.59 -16.36
N ALA A 147 18.65 2.77 -16.58
CA ALA A 147 17.46 3.20 -15.86
C ALA A 147 16.21 3.23 -16.72
N ALA A 148 16.32 2.92 -18.01
CA ALA A 148 15.16 2.96 -18.89
C ALA A 148 14.02 2.10 -18.36
N ASN A 149 14.32 0.86 -17.95
CA ASN A 149 13.27 -0.04 -17.51
C ASN A 149 12.65 0.43 -16.20
N PHE A 150 13.48 0.85 -15.25
CA PHE A 150 12.99 1.39 -13.98
C PHE A 150 12.01 2.54 -14.23
N CYS A 151 12.37 3.49 -15.09
CA CYS A 151 11.49 4.63 -15.35
C CYS A 151 10.18 4.17 -15.97
N ALA A 152 10.24 3.22 -16.89
CA ALA A 152 9.02 2.70 -17.49
C ALA A 152 8.15 2.00 -16.44
N LEU A 153 8.77 1.26 -15.52
CA LEU A 153 8.01 0.64 -14.45
C LEU A 153 7.40 1.67 -13.51
N ILE A 154 8.16 2.71 -13.17
CA ILE A 154 7.61 3.77 -12.32
C ILE A 154 6.36 4.36 -12.95
N LEU A 155 6.44 4.66 -14.24
CA LEU A 155 5.27 5.17 -14.96
C LEU A 155 4.11 4.18 -14.87
N ALA A 156 4.39 2.90 -15.09
CA ALA A 156 3.31 1.91 -15.08
C ALA A 156 2.69 1.78 -13.69
N TYR A 157 3.53 1.65 -12.66
CA TYR A 157 3.00 1.53 -11.30
C TYR A 157 2.26 2.79 -10.86
N CYS A 158 2.66 3.96 -11.34
CA CYS A 158 2.00 5.21 -10.96
C CYS A 158 0.82 5.54 -11.86
N ASN A 159 0.49 4.67 -12.81
CA ASN A 159 -0.63 4.91 -13.73
C ASN A 159 -0.46 6.23 -14.47
N LYS A 160 0.76 6.53 -14.90
CA LYS A 160 1.06 7.72 -15.69
C LYS A 160 1.66 7.30 -17.03
N THR A 161 1.37 8.08 -18.05
CA THR A 161 1.90 7.83 -19.38
C THR A 161 3.05 8.78 -19.66
N VAL A 162 3.88 8.38 -20.62
CA VAL A 162 4.97 9.25 -21.05
C VAL A 162 4.38 10.58 -21.50
N GLY A 163 4.93 11.67 -20.99
CA GLY A 163 4.47 12.98 -21.33
C GLY A 163 3.47 13.59 -20.36
N GLU A 164 2.83 12.78 -19.53
CA GLU A 164 1.89 13.32 -18.54
C GLU A 164 2.66 14.08 -17.46
N LEU A 165 2.08 15.20 -17.02
CA LEU A 165 2.70 15.95 -15.94
C LEU A 165 2.69 15.14 -14.67
N GLY A 166 3.80 15.20 -13.93
CA GLY A 166 3.97 14.38 -12.76
C GLY A 166 4.52 15.19 -11.59
N ASP A 167 4.41 14.59 -10.42
CA ASP A 167 4.71 15.22 -9.15
C ASP A 167 5.66 14.30 -8.39
N VAL A 168 6.77 14.86 -7.93
CA VAL A 168 7.79 14.03 -7.27
C VAL A 168 7.22 13.41 -5.98
N ARG A 169 6.56 14.22 -5.14
CA ARG A 169 6.04 13.70 -3.88
C ARG A 169 5.06 12.56 -4.13
N GLU A 170 4.11 12.75 -5.04
CA GLU A 170 3.19 11.69 -5.39
C GLU A 170 3.94 10.43 -5.83
N THR A 171 4.85 10.59 -6.80
CA THR A 171 5.59 9.45 -7.33
C THR A 171 6.33 8.72 -6.23
N MET A 172 7.00 9.47 -5.35
CA MET A 172 7.72 8.84 -4.24
C MET A 172 6.76 8.10 -3.33
N SER A 173 5.62 8.72 -3.02
CA SER A 173 4.63 8.08 -2.15
C SER A 173 4.15 6.76 -2.73
N TYR A 174 3.80 6.75 -4.03
CA TYR A 174 3.26 5.54 -4.62
C TYR A 174 4.32 4.45 -4.72
N LEU A 175 5.60 4.83 -4.90
CA LEU A 175 6.67 3.84 -4.86
C LEU A 175 6.89 3.32 -3.45
N PHE A 176 6.78 4.21 -2.45
CA PHE A 176 6.89 3.78 -1.06
C PHE A 176 5.83 2.73 -0.74
N GLN A 177 4.65 2.84 -1.35
CA GLN A 177 3.59 1.89 -1.09
C GLN A 177 3.85 0.54 -1.77
N HIS A 178 4.96 0.41 -2.49
CA HIS A 178 5.42 -0.86 -3.04
C HIS A 178 6.73 -1.32 -2.39
N ALA A 179 7.09 -0.74 -1.26
CA ALA A 179 8.30 -1.06 -0.53
C ALA A 179 7.97 -1.66 0.84
N ASN A 180 8.95 -2.35 1.42
CA ASN A 180 8.82 -2.87 2.76
C ASN A 180 9.26 -1.78 3.72
N LEU A 181 8.29 -1.07 4.29
CA LEU A 181 8.54 -0.07 5.32
C LEU A 181 7.94 -0.50 6.65
N ASP A 182 7.75 -1.81 6.84
CA ASP A 182 6.95 -2.31 7.97
C ASP A 182 7.51 -1.84 9.30
N SER A 183 8.83 -1.70 9.40
CA SER A 183 9.49 -1.34 10.64
C SER A 183 9.52 0.17 10.89
N CYS A 184 9.07 1.00 9.96
CA CYS A 184 9.06 2.45 10.17
C CYS A 184 7.95 2.85 11.11
N LYS A 185 8.23 3.81 11.98
CA LYS A 185 7.29 4.20 13.02
C LYS A 185 7.43 5.67 13.34
N ARG A 186 6.29 6.35 13.50
CA ARG A 186 6.20 7.71 14.04
C ARG A 186 5.16 7.69 15.14
N VAL A 187 5.56 8.09 16.35
CA VAL A 187 4.66 8.19 17.48
C VAL A 187 4.41 9.68 17.75
N LEU A 188 3.14 10.04 17.86
CA LEU A 188 2.70 11.39 18.20
C LEU A 188 2.12 11.38 19.60
N ASN A 189 2.65 12.23 20.48
CA ASN A 189 2.14 12.35 21.83
C ASN A 189 1.60 13.75 22.03
N VAL A 190 0.36 13.83 22.54
CA VAL A 190 -0.30 15.10 22.75
C VAL A 190 0.34 15.80 23.93
N VAL A 191 0.65 17.09 23.76
CA VAL A 191 1.09 17.94 24.86
C VAL A 191 -0.13 18.69 25.37
N CYS A 192 -0.62 18.32 26.54
CA CYS A 192 -1.80 18.95 27.13
C CYS A 192 -1.58 19.13 28.61
N LYS A 193 -2.46 19.91 29.24
CA LYS A 193 -2.38 20.05 30.68
C LYS A 193 -3.28 19.07 31.42
N THR A 194 -4.45 18.75 30.87
CA THR A 194 -5.45 17.97 31.61
C THR A 194 -6.00 16.79 30.82
N CYS A 195 -5.42 16.44 29.68
CA CYS A 195 -6.00 15.41 28.82
C CYS A 195 -5.42 14.03 29.06
N GLY A 196 -4.38 13.92 29.90
CA GLY A 196 -3.74 12.65 30.16
C GLY A 196 -2.80 12.24 29.03
N GLN A 197 -2.44 10.95 29.02
CA GLN A 197 -1.57 10.43 27.97
C GLN A 197 -2.42 10.13 26.73
N GLN A 198 -2.14 10.85 25.65
CA GLN A 198 -2.79 10.61 24.37
C GLN A 198 -1.71 10.43 23.32
N GLN A 199 -1.66 9.25 22.72
CA GLN A 199 -0.62 8.88 21.78
C GLN A 199 -1.25 8.18 20.59
N THR A 200 -0.69 8.42 19.41
CA THR A 200 -1.06 7.64 18.24
C THR A 200 0.20 7.30 17.47
N THR A 201 0.19 6.13 16.84
CA THR A 201 1.35 5.59 16.13
C THR A 201 1.04 5.42 14.65
N LEU A 202 1.92 5.94 13.80
CA LEU A 202 1.90 5.71 12.37
C LEU A 202 2.96 4.66 12.05
N LYS A 203 2.56 3.55 11.44
CA LYS A 203 3.50 2.50 11.04
C LYS A 203 3.48 2.36 9.53
N GLY A 204 4.64 2.07 8.97
CA GLY A 204 4.75 1.90 7.53
C GLY A 204 4.90 3.20 6.77
N VAL A 205 4.23 3.29 5.62
CA VAL A 205 4.47 4.38 4.70
C VAL A 205 4.09 5.73 5.31
N GLU A 206 3.02 5.77 6.13
CA GLU A 206 2.65 7.04 6.72
C GLU A 206 3.79 7.62 7.55
N ALA A 207 4.66 6.75 8.10
CA ALA A 207 5.71 7.20 8.99
C ALA A 207 6.86 7.92 8.24
N VAL A 208 7.00 7.72 6.94
CA VAL A 208 8.14 8.26 6.22
C VAL A 208 7.81 9.52 5.42
N MET A 209 6.60 10.06 5.58
CA MET A 209 6.15 11.20 4.82
C MET A 209 5.47 12.20 5.75
N TYR A 210 5.56 13.48 5.41
CA TYR A 210 4.87 14.53 6.16
C TYR A 210 4.64 15.70 5.24
N MET A 211 3.44 16.29 5.35
CA MET A 211 3.06 17.46 4.56
C MET A 211 2.79 18.64 5.46
N GLY A 212 3.36 19.80 5.11
CA GLY A 212 3.09 21.01 5.85
C GLY A 212 4.31 21.90 6.07
N THR A 213 5.48 21.29 6.28
CA THR A 213 6.71 22.03 6.45
C THR A 213 7.83 21.24 5.81
N LEU A 214 8.92 21.93 5.49
CA LEU A 214 10.09 21.29 4.91
C LEU A 214 11.13 20.92 5.96
N SER A 215 11.06 21.52 7.14
CA SER A 215 12.16 21.47 8.10
C SER A 215 11.94 20.30 9.06
N TYR A 216 12.89 19.37 9.08
CA TYR A 216 12.80 18.28 10.04
C TYR A 216 12.93 18.79 11.47
N GLU A 217 13.82 19.77 11.67
CA GLU A 217 13.99 20.34 13.00
C GLU A 217 12.69 20.89 13.57
N GLN A 218 11.91 21.60 12.73
CA GLN A 218 10.66 22.16 13.21
C GLN A 218 9.66 21.05 13.51
N PHE A 219 9.63 20.06 12.64
CA PHE A 219 8.77 18.89 12.81
C PHE A 219 9.11 18.16 14.10
N LYS A 220 10.39 17.93 14.36
CA LYS A 220 10.77 17.18 15.56
C LYS A 220 10.53 18.00 16.82
N LYS A 221 10.67 19.33 16.74
CA LYS A 221 10.37 20.17 17.90
C LYS A 221 8.91 20.03 18.32
N GLY A 222 7.99 20.04 17.35
CA GLY A 222 6.59 19.82 17.63
C GLY A 222 5.72 20.40 16.54
N VAL A 223 4.48 19.91 16.49
CA VAL A 223 3.55 20.31 15.45
C VAL A 223 2.19 20.62 16.06
N THR A 234 -3.40 19.93 20.04
CA THR A 234 -2.85 20.99 19.20
C THR A 234 -1.32 20.88 19.08
N LYS A 235 -0.63 20.65 20.20
CA LYS A 235 0.82 20.51 20.22
C LYS A 235 1.19 19.05 20.44
N TYR A 236 2.15 18.54 19.66
CA TYR A 236 2.52 17.13 19.65
C TYR A 236 4.03 16.97 19.77
N LEU A 237 4.47 16.09 20.68
CA LEU A 237 5.83 15.58 20.69
C LEU A 237 5.92 14.36 19.76
N VAL A 238 7.01 14.28 19.00
CA VAL A 238 7.15 13.29 17.94
C VAL A 238 8.33 12.37 18.24
N GLN A 239 8.12 11.07 18.02
CA GLN A 239 9.20 10.08 18.01
C GLN A 239 9.25 9.45 16.63
N GLN A 240 10.39 9.59 15.95
CA GLN A 240 10.55 9.20 14.55
C GLN A 240 11.58 8.09 14.42
N GLU A 241 11.18 6.99 13.79
CA GLU A 241 12.05 5.83 13.60
C GLU A 241 11.86 5.36 12.16
N SER A 242 12.77 5.75 11.27
CA SER A 242 12.71 5.34 9.88
C SER A 242 14.08 5.61 9.25
N PRO A 243 14.38 4.92 8.14
CA PRO A 243 15.66 5.18 7.46
C PRO A 243 15.72 6.55 6.81
N PHE A 244 14.58 7.14 6.50
CA PHE A 244 14.50 8.43 5.83
C PHE A 244 13.13 9.04 6.12
N VAL A 245 13.01 10.34 5.86
CA VAL A 245 11.71 11.00 5.89
C VAL A 245 11.63 11.98 4.73
N MET A 246 10.46 12.05 4.11
CA MET A 246 10.16 13.02 3.06
C MET A 246 9.26 14.10 3.63
N MET A 247 9.71 15.33 3.59
CA MET A 247 8.95 16.49 4.04
C MET A 247 8.57 17.33 2.83
N SER A 248 7.29 17.69 2.72
CA SER A 248 6.81 18.47 1.59
C SER A 248 5.98 19.65 2.08
N ALA A 249 6.00 20.71 1.29
CA ALA A 249 5.23 21.93 1.57
C ALA A 249 5.03 22.65 0.25
N PRO A 250 4.10 23.61 0.19
CA PRO A 250 3.91 24.38 -1.03
C PRO A 250 5.22 25.03 -1.44
N PRO A 251 5.54 25.08 -2.73
CA PRO A 251 6.78 25.72 -3.16
C PRO A 251 6.92 27.13 -2.58
N ALA A 252 8.05 27.37 -1.92
CA ALA A 252 8.32 28.65 -1.28
C ALA A 252 9.82 28.87 -1.28
N GLN A 253 10.22 30.14 -1.41
CA GLN A 253 11.62 30.47 -1.28
C GLN A 253 12.15 29.94 0.04
N TYR A 254 13.24 29.18 -0.03
CA TYR A 254 13.71 28.39 1.10
C TYR A 254 15.21 28.22 0.97
N GLU A 255 15.92 28.35 2.08
CA GLU A 255 17.38 28.25 2.10
C GLU A 255 17.76 26.83 2.49
N LEU A 256 18.51 26.16 1.63
CA LEU A 256 19.03 24.82 1.88
C LEU A 256 20.47 24.96 2.35
N LYS A 257 20.72 24.62 3.60
CA LYS A 257 22.06 24.74 4.17
C LYS A 257 22.81 23.43 4.03
N HIS A 258 24.03 23.52 3.53
CA HIS A 258 24.83 22.33 3.31
C HIS A 258 24.94 21.50 4.58
N GLY A 259 24.73 20.19 4.44
CA GLY A 259 24.91 19.25 5.51
C GLY A 259 23.70 19.04 6.41
N THR A 260 22.62 19.78 6.20
CA THR A 260 21.43 19.69 7.06
C THR A 260 20.31 18.87 6.44
N PHE A 261 20.55 18.26 5.30
CA PHE A 261 19.54 17.49 4.58
C PHE A 261 20.28 16.58 3.61
N THR A 262 19.55 15.63 3.04
CA THR A 262 20.14 14.72 2.08
C THR A 262 19.93 15.22 0.65
N CYS A 263 18.68 15.46 0.26
CA CYS A 263 18.42 16.00 -1.06
C CYS A 263 17.06 16.66 -1.03
N ALA A 264 16.76 17.42 -2.09
CA ALA A 264 15.55 18.21 -2.10
C ALA A 264 15.06 18.42 -3.53
N SER A 265 13.77 18.71 -3.66
CA SER A 265 13.14 19.03 -4.92
C SER A 265 12.83 20.52 -4.99
N GLU A 266 13.30 21.17 -6.05
CA GLU A 266 12.91 22.53 -6.37
C GLU A 266 11.85 22.48 -7.46
N TYR A 267 10.80 23.30 -7.34
CA TYR A 267 9.76 23.35 -8.35
C TYR A 267 9.43 24.79 -8.68
N THR A 268 9.59 25.14 -9.95
CA THR A 268 9.19 26.44 -10.47
C THR A 268 7.96 26.26 -11.36
N GLY A 269 7.09 27.26 -11.38
CA GLY A 269 5.87 27.19 -12.17
C GLY A 269 5.67 28.46 -12.98
N ASN A 270 6.77 28.98 -13.55
CA ASN A 270 6.68 30.19 -14.35
C ASN A 270 5.74 29.98 -15.54
N TYR A 271 4.81 30.91 -15.70
CA TYR A 271 3.84 30.89 -16.79
C TYR A 271 3.08 29.55 -16.79
N GLN A 272 2.90 28.97 -15.61
CA GLN A 272 2.12 27.75 -15.37
C GLN A 272 2.71 26.55 -16.08
N CYS A 273 3.93 26.66 -16.59
CA CYS A 273 4.70 25.52 -17.10
C CYS A 273 5.71 25.16 -16.02
N GLY A 274 5.55 23.98 -15.42
CA GLY A 274 6.41 23.60 -14.32
C GLY A 274 7.73 23.00 -14.76
N HIS A 275 8.69 23.02 -13.83
CA HIS A 275 9.97 22.33 -14.03
C HIS A 275 10.57 22.02 -12.66
N TYR A 276 11.03 20.79 -12.49
CA TYR A 276 11.72 20.38 -11.28
C TYR A 276 13.23 20.45 -11.46
N LYS A 277 13.93 20.72 -10.37
CA LYS A 277 15.36 20.48 -10.26
C LYS A 277 15.62 19.74 -8.96
N HIS A 278 16.75 19.05 -8.91
CA HIS A 278 17.16 18.25 -7.77
C HIS A 278 18.40 18.87 -7.14
N ILE A 279 18.37 19.07 -5.83
CA ILE A 279 19.52 19.56 -5.07
C ILE A 279 19.96 18.46 -4.11
N THR A 280 21.24 18.11 -4.17
CA THR A 280 21.78 17.11 -3.26
C THR A 280 22.95 17.70 -2.48
N SER A 281 23.06 17.31 -1.22
CA SER A 281 24.09 17.83 -0.34
C SER A 281 25.19 16.79 -0.21
N LYS A 282 26.33 17.03 -0.85
CA LYS A 282 27.51 16.18 -0.77
C LYS A 282 28.57 16.93 0.01
N GLU A 283 29.76 17.16 -0.58
CA GLU A 283 30.73 18.05 0.06
C GLU A 283 30.35 19.51 -0.10
N THR A 284 29.44 19.81 -1.02
CA THR A 284 28.87 21.13 -1.20
C THR A 284 27.50 20.90 -1.83
N LEU A 285 26.81 21.97 -2.19
CA LEU A 285 25.47 21.83 -2.76
C LEU A 285 25.57 21.63 -4.27
N TYR A 286 24.97 20.54 -4.77
CA TYR A 286 24.89 20.26 -6.20
C TYR A 286 23.46 20.34 -6.67
N CYS A 287 23.22 21.09 -7.72
CA CYS A 287 21.91 21.19 -8.36
C CYS A 287 21.96 20.42 -9.67
N ILE A 288 21.26 19.29 -9.72
CA ILE A 288 21.18 18.44 -10.91
C ILE A 288 19.87 18.75 -11.63
N ASP A 289 19.98 19.25 -12.84
CA ASP A 289 18.85 19.66 -13.67
C ASP A 289 18.89 18.82 -14.96
N GLY A 290 18.40 17.59 -14.87
CA GLY A 290 18.56 16.66 -15.98
C GLY A 290 20.02 16.35 -16.22
N ALA A 291 20.54 16.73 -17.39
CA ALA A 291 21.95 16.55 -17.72
C ALA A 291 22.84 17.65 -17.17
N LEU A 292 22.27 18.74 -16.66
CA LEU A 292 23.06 19.89 -16.23
C LEU A 292 23.42 19.78 -14.75
N LEU A 293 24.59 20.31 -14.41
CA LEU A 293 25.11 20.22 -13.05
C LEU A 293 25.65 21.58 -12.65
N THR A 294 25.22 22.06 -11.48
CA THR A 294 25.65 23.36 -10.96
C THR A 294 25.99 23.20 -9.48
N LYS A 295 27.20 23.57 -9.12
CA LYS A 295 27.68 23.51 -7.74
C LYS A 295 27.63 24.89 -7.09
N SER A 296 27.31 24.92 -5.81
CA SER A 296 27.25 26.17 -5.06
C SER A 296 27.42 25.87 -3.58
N SER A 297 27.81 26.88 -2.82
CA SER A 297 27.95 26.71 -1.38
C SER A 297 26.64 26.99 -0.64
N GLU A 298 25.81 27.85 -1.19
CA GLU A 298 24.50 28.18 -0.66
C GLU A 298 23.46 27.90 -1.74
N TYR A 299 22.22 27.68 -1.33
CA TYR A 299 21.12 27.54 -2.28
C TYR A 299 19.85 28.13 -1.70
N LYS A 300 19.22 29.01 -2.47
CA LYS A 300 17.90 29.54 -2.14
C LYS A 300 17.04 29.39 -3.38
N GLY A 301 15.89 28.75 -3.22
CA GLY A 301 14.98 28.55 -4.33
C GLY A 301 13.63 28.07 -3.85
N PRO A 302 12.68 27.90 -4.78
CA PRO A 302 11.36 27.39 -4.41
C PRO A 302 11.36 25.89 -4.17
N ILE A 303 11.64 25.49 -2.95
CA ILE A 303 11.76 24.10 -2.57
C ILE A 303 10.40 23.57 -2.15
N THR A 304 10.09 22.33 -2.52
CA THR A 304 8.81 21.73 -2.20
C THR A 304 8.91 20.35 -1.55
N ASP A 305 10.02 19.63 -1.70
CA ASP A 305 10.26 18.40 -0.96
C ASP A 305 11.66 18.49 -0.40
N VAL A 306 11.84 17.98 0.82
CA VAL A 306 13.17 17.79 1.39
C VAL A 306 13.23 16.40 1.99
N PHE A 307 14.31 15.69 1.72
CA PHE A 307 14.52 14.33 2.19
C PHE A 307 15.66 14.27 3.18
N TYR A 308 15.45 13.54 4.26
CA TYR A 308 16.42 13.39 5.32
C TYR A 308 16.68 11.92 5.57
N LYS A 309 17.94 11.58 5.80
CA LYS A 309 18.38 10.20 5.99
C LYS A 309 18.82 10.02 7.43
N GLU A 310 18.46 8.87 8.01
CA GLU A 310 18.77 8.61 9.42
C GLU A 310 20.23 8.21 9.59
N ASN A 311 20.76 7.45 8.63
CA ASN A 311 22.12 6.92 8.70
C ASN A 311 22.28 6.09 9.97
N SER A 312 21.31 5.21 10.20
CA SER A 312 21.30 4.34 11.36
C SER A 312 21.59 5.11 12.64
N VAL B 5 -0.85 -51.15 7.24
CA VAL B 5 -0.85 -49.70 7.43
C VAL B 5 -2.28 -49.16 7.29
N ARG B 6 -2.85 -48.71 8.41
CA ARG B 6 -4.15 -48.06 8.42
C ARG B 6 -4.02 -46.61 7.96
N THR B 7 -4.98 -46.16 7.16
CA THR B 7 -4.92 -44.82 6.59
C THR B 7 -6.31 -44.20 6.51
N ILE B 8 -6.35 -42.88 6.40
CA ILE B 8 -7.56 -42.14 6.10
C ILE B 8 -7.23 -41.11 5.02
N LYS B 9 -8.28 -40.60 4.38
CA LYS B 9 -8.14 -39.53 3.40
C LYS B 9 -8.56 -38.19 4.01
N VAL B 10 -7.67 -37.21 3.89
CA VAL B 10 -7.93 -35.84 4.31
C VAL B 10 -7.63 -34.92 3.12
N PHE B 11 -8.02 -33.66 3.26
CA PHE B 11 -7.67 -32.62 2.31
C PHE B 11 -6.67 -31.68 2.97
N THR B 12 -5.60 -31.34 2.26
CA THR B 12 -4.70 -30.28 2.68
C THR B 12 -4.91 -29.05 1.82
N THR B 13 -4.53 -27.89 2.37
CA THR B 13 -4.78 -26.63 1.68
C THR B 13 -3.92 -25.55 2.31
N VAL B 14 -3.70 -24.49 1.53
CA VAL B 14 -3.22 -23.22 2.08
C VAL B 14 -4.25 -22.12 1.95
N ASP B 15 -5.28 -22.28 1.12
CA ASP B 15 -6.23 -21.20 0.87
C ASP B 15 -7.67 -21.58 1.12
N ASN B 16 -7.96 -22.86 1.41
CA ASN B 16 -9.32 -23.37 1.58
C ASN B 16 -10.14 -23.17 0.31
N ILE B 17 -9.47 -22.95 -0.82
CA ILE B 17 -10.10 -22.88 -2.13
C ILE B 17 -9.69 -24.08 -2.99
N ASN B 18 -8.41 -24.38 -3.03
CA ASN B 18 -7.88 -25.53 -3.76
C ASN B 18 -7.55 -26.59 -2.71
N LEU B 19 -8.30 -27.69 -2.76
CA LEU B 19 -8.16 -28.77 -1.79
C LEU B 19 -7.37 -29.90 -2.44
N HIS B 20 -6.40 -30.45 -1.71
CA HIS B 20 -5.50 -31.48 -2.22
C HIS B 20 -5.69 -32.74 -1.39
N THR B 21 -6.23 -33.79 -2.02
CA THR B 21 -6.48 -35.05 -1.34
C THR B 21 -5.16 -35.71 -0.94
N GLN B 22 -5.10 -36.19 0.30
CA GLN B 22 -3.92 -36.87 0.81
C GLN B 22 -4.34 -38.14 1.53
N VAL B 23 -3.49 -39.16 1.43
CA VAL B 23 -3.65 -40.41 2.16
C VAL B 23 -2.69 -40.33 3.34
N VAL B 24 -3.20 -40.39 4.56
CA VAL B 24 -2.39 -40.15 5.75
C VAL B 24 -2.25 -41.44 6.51
N ASP B 25 -1.01 -41.73 6.92
CA ASP B 25 -0.71 -42.90 7.73
C ASP B 25 -1.10 -42.62 9.18
N MET B 26 -2.08 -43.36 9.69
CA MET B 26 -2.58 -43.08 11.02
C MET B 26 -1.57 -43.42 12.12
N SER B 27 -0.42 -43.98 11.76
CA SER B 27 0.61 -44.33 12.74
C SER B 27 1.63 -43.22 12.91
N MET B 28 1.56 -42.17 12.09
CA MET B 28 2.48 -41.05 12.16
C MET B 28 1.69 -39.78 12.44
N THR B 29 2.38 -38.77 12.98
CA THR B 29 1.73 -37.50 13.24
C THR B 29 1.61 -36.70 11.94
N TYR B 30 0.66 -35.77 11.92
CA TYR B 30 0.55 -34.89 10.78
C TYR B 30 1.87 -34.18 10.49
N GLY B 31 2.59 -33.80 11.54
CA GLY B 31 3.85 -33.11 11.35
C GLY B 31 4.86 -33.96 10.58
N GLN B 32 4.93 -35.25 10.89
CA GLN B 32 5.88 -36.12 10.20
C GLN B 32 5.59 -36.19 8.72
N GLN B 33 4.31 -36.15 8.34
CA GLN B 33 3.88 -36.35 6.97
C GLN B 33 3.72 -35.05 6.20
N PHE B 34 3.19 -34.00 6.85
CA PHE B 34 2.89 -32.75 6.17
C PHE B 34 3.78 -31.59 6.58
N GLY B 35 4.49 -31.68 7.70
CA GLY B 35 5.06 -30.51 8.32
C GLY B 35 4.01 -29.85 9.20
N PRO B 36 4.23 -28.60 9.57
CA PRO B 36 3.25 -27.91 10.44
C PRO B 36 1.85 -27.96 9.85
N THR B 37 0.90 -28.45 10.64
CA THR B 37 -0.46 -28.74 10.18
C THR B 37 -1.48 -28.19 11.16
N TYR B 38 -2.60 -27.71 10.65
CA TYR B 38 -3.63 -27.08 11.47
C TYR B 38 -5.01 -27.54 11.06
N LEU B 39 -5.88 -27.73 12.06
CA LEU B 39 -7.30 -28.03 11.84
C LEU B 39 -8.11 -26.90 12.45
N ASP B 40 -8.77 -26.11 11.60
CA ASP B 40 -9.58 -24.97 12.04
C ASP B 40 -8.80 -24.07 13.01
N GLY B 41 -7.55 -23.80 12.66
CA GLY B 41 -6.68 -22.97 13.47
C GLY B 41 -5.90 -23.70 14.54
N ALA B 42 -6.33 -24.89 14.95
CA ALA B 42 -5.65 -25.63 15.99
C ALA B 42 -4.42 -26.34 15.43
N ASP B 43 -3.29 -26.22 16.12
CA ASP B 43 -2.04 -26.83 15.70
C ASP B 43 -2.06 -28.33 15.99
N VAL B 44 -2.17 -29.14 14.95
CA VAL B 44 -2.21 -30.59 15.09
C VAL B 44 -0.90 -31.22 14.59
N THR B 45 0.17 -30.44 14.53
CA THR B 45 1.45 -30.98 14.07
C THR B 45 1.84 -32.25 14.81
N LYS B 46 1.67 -32.26 16.13
CA LYS B 46 2.12 -33.35 16.98
C LYS B 46 1.04 -34.40 17.22
N ILE B 47 -0.09 -34.31 16.52
CA ILE B 47 -1.23 -35.19 16.73
C ILE B 47 -1.23 -36.28 15.66
N LYS B 48 -1.55 -37.50 16.07
CA LYS B 48 -1.77 -38.55 15.09
C LYS B 48 -3.20 -38.48 14.58
N PRO B 49 -3.43 -38.84 13.32
CA PRO B 49 -4.79 -38.76 12.78
C PRO B 49 -5.78 -39.55 13.62
N HIS B 50 -7.00 -39.02 13.70
CA HIS B 50 -8.14 -39.72 14.27
C HIS B 50 -9.07 -40.14 13.14
N ASN B 51 -9.93 -41.12 13.43
CA ASN B 51 -10.92 -41.52 12.44
C ASN B 51 -11.91 -40.39 12.17
N SER B 52 -12.14 -39.53 13.16
CA SER B 52 -13.01 -38.37 12.95
C SER B 52 -12.42 -37.39 11.93
N HIS B 53 -11.11 -37.43 11.71
CA HIS B 53 -10.47 -36.50 10.78
C HIS B 53 -10.72 -36.84 9.32
N GLU B 54 -11.22 -38.04 9.03
CA GLU B 54 -11.41 -38.46 7.64
C GLU B 54 -12.31 -37.46 6.92
N GLY B 55 -11.86 -37.03 5.73
CA GLY B 55 -12.62 -36.09 4.93
C GLY B 55 -12.51 -34.62 5.31
N LYS B 56 -11.80 -34.30 6.38
CA LYS B 56 -11.67 -32.92 6.83
C LYS B 56 -10.54 -32.20 6.09
N THR B 57 -10.59 -30.88 6.14
CA THR B 57 -9.59 -30.02 5.49
C THR B 57 -8.59 -29.51 6.52
N PHE B 58 -7.31 -29.69 6.24
CA PHE B 58 -6.23 -29.24 7.10
C PHE B 58 -5.40 -28.19 6.37
N TYR B 59 -5.02 -27.12 7.08
CA TYR B 59 -4.08 -26.16 6.53
C TYR B 59 -2.66 -26.66 6.76
N VAL B 60 -1.80 -26.43 5.76
CA VAL B 60 -0.39 -26.79 5.86
C VAL B 60 0.42 -25.57 5.44
N LEU B 61 1.71 -25.59 5.76
CA LEU B 61 2.55 -24.48 5.32
C LEU B 61 3.02 -24.71 3.89
N PRO B 62 3.19 -23.64 3.11
CA PRO B 62 3.56 -23.83 1.70
C PRO B 62 4.99 -24.31 1.56
N ASN B 63 5.19 -25.62 1.47
CA ASN B 63 6.51 -26.21 1.39
C ASN B 63 6.98 -26.50 -0.04
N ASP B 64 6.09 -26.49 -1.04
CA ASP B 64 6.45 -26.72 -2.43
C ASP B 64 6.00 -25.54 -3.30
N ASP B 65 6.46 -25.52 -4.56
CA ASP B 65 6.13 -24.41 -5.44
C ASP B 65 4.62 -24.27 -5.61
N THR B 66 3.90 -25.39 -5.72
CA THR B 66 2.46 -25.34 -5.96
C THR B 66 1.73 -24.65 -4.83
N LEU B 67 2.00 -25.06 -3.58
CA LEU B 67 1.34 -24.42 -2.44
C LEU B 67 1.81 -22.97 -2.27
N ARG B 68 3.08 -22.70 -2.58
CA ARG B 68 3.59 -21.33 -2.49
C ARG B 68 2.83 -20.40 -3.42
N VAL B 69 2.62 -20.83 -4.67
CA VAL B 69 1.85 -20.04 -5.63
C VAL B 69 0.42 -19.84 -5.13
N GLU B 70 -0.22 -20.93 -4.71
CA GLU B 70 -1.60 -20.82 -4.23
C GLU B 70 -1.69 -19.85 -3.06
N ALA B 71 -0.75 -19.92 -2.13
CA ALA B 71 -0.80 -18.99 -0.98
C ALA B 71 -0.56 -17.55 -1.42
N PHE B 72 0.45 -17.32 -2.28
CA PHE B 72 0.72 -15.95 -2.70
C PHE B 72 -0.48 -15.37 -3.47
N GLU B 73 -1.07 -16.15 -4.36
CA GLU B 73 -2.23 -15.65 -5.11
C GLU B 73 -3.40 -15.37 -4.19
N TYR B 74 -3.50 -16.07 -3.07
CA TYR B 74 -4.68 -15.87 -2.22
C TYR B 74 -4.46 -14.80 -1.17
N TYR B 75 -3.27 -14.75 -0.57
CA TYR B 75 -3.01 -13.79 0.51
C TYR B 75 -2.25 -12.55 0.07
N HIS B 76 -1.55 -12.60 -1.07
CA HIS B 76 -0.75 -11.50 -1.60
C HIS B 76 0.37 -11.10 -0.66
N THR B 77 0.93 -12.06 0.06
CA THR B 77 2.12 -11.83 0.86
C THR B 77 3.08 -12.99 0.68
N THR B 78 4.36 -12.70 0.76
CA THR B 78 5.42 -13.70 0.75
C THR B 78 5.92 -13.99 2.16
N ASP B 79 5.40 -13.32 3.17
CA ASP B 79 5.85 -13.50 4.54
C ASP B 79 5.62 -14.94 4.97
N PRO B 80 6.68 -15.72 5.21
CA PRO B 80 6.48 -17.14 5.52
C PRO B 80 5.81 -17.37 6.86
N SER B 81 5.76 -16.35 7.71
CA SER B 81 5.12 -16.48 9.01
C SER B 81 3.63 -16.27 8.94
N PHE B 82 3.12 -15.73 7.82
CA PHE B 82 1.74 -15.31 7.75
C PHE B 82 0.79 -16.44 8.12
N LEU B 83 0.87 -17.58 7.42
CA LEU B 83 -0.15 -18.60 7.63
C LEU B 83 -0.17 -19.07 9.08
N GLY B 84 1.00 -19.22 9.70
CA GLY B 84 1.05 -19.60 11.10
C GLY B 84 0.42 -18.56 12.02
N ARG B 85 0.64 -17.28 11.74
CA ARG B 85 0.03 -16.24 12.57
C ARG B 85 -1.48 -16.19 12.35
N TYR B 86 -1.91 -16.36 11.10
CA TYR B 86 -3.34 -16.43 10.78
C TYR B 86 -4.00 -17.57 11.53
N MET B 87 -3.40 -18.76 11.50
CA MET B 87 -3.98 -19.91 12.19
C MET B 87 -4.00 -19.69 13.70
N SER B 88 -2.92 -19.14 14.26
CA SER B 88 -2.88 -18.87 15.70
C SER B 88 -4.02 -17.94 16.11
N ALA B 89 -4.28 -16.92 15.30
CA ALA B 89 -5.36 -15.99 15.61
C ALA B 89 -6.72 -16.66 15.45
N LEU B 90 -6.88 -17.44 14.39
CA LEU B 90 -8.16 -18.06 14.10
C LEU B 90 -8.56 -19.02 15.20
N ASN B 91 -7.59 -19.73 15.80
CA ASN B 91 -7.92 -20.64 16.89
C ASN B 91 -8.62 -19.90 18.02
N HIS B 92 -8.34 -18.59 18.18
CA HIS B 92 -9.05 -17.77 19.14
C HIS B 92 -10.32 -17.15 18.56
N THR B 93 -10.22 -16.52 17.38
CA THR B 93 -11.36 -15.75 16.90
C THR B 93 -12.56 -16.66 16.62
N LYS B 94 -12.33 -17.93 16.30
CA LYS B 94 -13.43 -18.87 16.10
C LYS B 94 -14.24 -19.08 17.37
N LYS B 95 -13.65 -18.83 18.53
CA LYS B 95 -14.33 -18.99 19.80
C LYS B 95 -15.02 -17.72 20.29
N TRP B 96 -14.80 -16.59 19.63
CA TRP B 96 -15.54 -15.39 19.98
C TRP B 96 -16.98 -15.51 19.52
N LYS B 97 -17.85 -14.68 20.08
CA LYS B 97 -19.25 -14.61 19.68
C LYS B 97 -19.46 -13.36 18.83
N TYR B 98 -20.29 -13.51 17.79
CA TYR B 98 -20.49 -12.48 16.77
C TYR B 98 -21.99 -12.17 16.70
N PRO B 99 -22.51 -11.41 17.65
CA PRO B 99 -23.94 -11.08 17.62
C PRO B 99 -24.27 -10.10 16.52
N GLN B 100 -25.47 -10.29 15.95
CA GLN B 100 -26.04 -9.32 15.04
C GLN B 100 -26.66 -8.18 15.83
N VAL B 101 -26.25 -6.96 15.52
CA VAL B 101 -26.76 -5.76 16.16
C VAL B 101 -27.23 -4.84 15.05
N ASN B 102 -28.54 -4.71 14.91
CA ASN B 102 -29.14 -3.81 13.93
C ASN B 102 -28.63 -4.12 12.52
N GLY B 103 -28.60 -5.40 12.17
CA GLY B 103 -28.17 -5.81 10.85
C GLY B 103 -26.67 -5.81 10.63
N LEU B 104 -25.89 -5.48 11.64
CA LEU B 104 -24.44 -5.44 11.52
C LEU B 104 -23.84 -6.52 12.42
N THR B 105 -22.76 -7.15 11.94
CA THR B 105 -22.06 -8.12 12.73
C THR B 105 -21.10 -7.41 13.68
N SER B 106 -21.23 -7.70 14.98
CA SER B 106 -20.35 -7.16 16.01
C SER B 106 -19.58 -8.31 16.65
N ILE B 107 -18.84 -8.00 17.71
CA ILE B 107 -18.10 -9.02 18.44
C ILE B 107 -18.32 -8.79 19.93
N LYS B 108 -18.73 -9.86 20.65
CA LYS B 108 -18.79 -9.79 22.10
C LYS B 108 -17.37 -9.60 22.65
N TRP B 109 -17.24 -8.75 23.67
CA TRP B 109 -15.92 -8.40 24.13
C TRP B 109 -15.18 -9.63 24.65
N ALA B 110 -13.93 -9.76 24.23
CA ALA B 110 -13.01 -10.80 24.69
C ALA B 110 -11.62 -10.41 24.19
N ASP B 111 -10.60 -10.78 24.95
CA ASP B 111 -9.22 -10.71 24.46
C ASP B 111 -8.88 -9.33 23.90
N ASN B 112 -9.34 -8.27 24.55
CA ASN B 112 -9.04 -6.91 24.13
C ASN B 112 -9.41 -6.65 22.69
N ASN B 113 -10.62 -7.04 22.29
CA ASN B 113 -11.02 -6.93 20.89
C ASN B 113 -11.99 -5.79 20.61
N SER B 114 -12.11 -4.82 21.52
CA SER B 114 -13.04 -3.72 21.25
C SER B 114 -12.65 -2.97 19.98
N TYR B 115 -11.34 -2.82 19.74
CA TYR B 115 -10.92 -2.11 18.52
C TYR B 115 -11.28 -2.92 17.28
N LEU B 116 -11.19 -4.24 17.36
CA LEU B 116 -11.54 -5.08 16.22
C LEU B 116 -13.04 -5.08 15.96
N ALA B 117 -13.85 -5.09 17.02
CA ALA B 117 -15.29 -4.98 16.82
C ALA B 117 -15.64 -3.65 16.17
N THR B 118 -15.03 -2.56 16.67
CA THR B 118 -15.31 -1.24 16.10
C THR B 118 -14.85 -1.14 14.64
N ALA B 119 -13.67 -1.67 14.32
CA ALA B 119 -13.26 -1.70 12.90
C ALA B 119 -14.20 -2.58 12.08
N LEU B 120 -14.57 -3.76 12.60
CA LEU B 120 -15.47 -4.67 11.87
C LEU B 120 -16.79 -3.99 11.54
N LEU B 121 -17.38 -3.29 12.52
CA LEU B 121 -18.61 -2.55 12.26
C LEU B 121 -18.41 -1.48 11.20
N THR B 122 -17.30 -0.75 11.26
CA THR B 122 -17.03 0.29 10.27
C THR B 122 -16.90 -0.30 8.88
N LEU B 123 -16.15 -1.41 8.77
CA LEU B 123 -15.91 -1.99 7.45
C LEU B 123 -17.20 -2.40 6.77
N GLN B 124 -18.25 -2.71 7.54
CA GLN B 124 -19.52 -3.09 6.92
C GLN B 124 -20.31 -1.90 6.40
N GLN B 125 -19.89 -0.67 6.67
CA GLN B 125 -20.64 0.50 6.28
C GLN B 125 -19.96 1.32 5.20
N ILE B 126 -18.78 0.91 4.74
CA ILE B 126 -18.07 1.56 3.66
C ILE B 126 -17.77 0.51 2.60
N GLU B 127 -17.71 0.92 1.34
CA GLU B 127 -17.47 0.02 0.23
C GLU B 127 -15.98 -0.04 -0.05
N LEU B 128 -15.40 -1.24 0.09
CA LEU B 128 -13.97 -1.48 -0.04
C LEU B 128 -13.76 -2.67 -0.96
N LYS B 129 -12.85 -2.53 -1.91
CA LYS B 129 -12.47 -3.62 -2.81
C LYS B 129 -11.06 -4.07 -2.41
N PHE B 130 -10.99 -5.15 -1.64
CA PHE B 130 -9.70 -5.68 -1.23
C PHE B 130 -9.00 -6.35 -2.41
N ASN B 131 -7.68 -6.23 -2.45
CA ASN B 131 -6.90 -6.84 -3.50
C ASN B 131 -6.67 -8.33 -3.22
N PRO B 132 -6.25 -8.72 -2.02
CA PRO B 132 -6.08 -10.16 -1.76
C PRO B 132 -7.42 -10.86 -1.73
N PRO B 133 -7.58 -11.92 -2.51
CA PRO B 133 -8.83 -12.69 -2.45
C PRO B 133 -9.18 -13.14 -1.04
N ALA B 134 -8.18 -13.43 -0.20
CA ALA B 134 -8.48 -13.87 1.16
C ALA B 134 -9.31 -12.82 1.90
N LEU B 135 -8.96 -11.54 1.76
CA LEU B 135 -9.70 -10.51 2.47
C LEU B 135 -11.05 -10.26 1.80
N GLN B 136 -11.10 -10.26 0.47
CA GLN B 136 -12.37 -10.03 -0.21
C GLN B 136 -13.39 -11.10 0.15
N ASP B 137 -12.97 -12.38 0.15
CA ASP B 137 -13.87 -13.47 0.49
C ASP B 137 -14.35 -13.35 1.93
N ALA B 138 -13.42 -13.19 2.88
CA ALA B 138 -13.77 -13.18 4.28
C ALA B 138 -14.56 -11.93 4.64
N TYR B 139 -14.29 -10.81 3.97
CA TYR B 139 -15.07 -9.59 4.10
C TYR B 139 -16.54 -9.86 3.84
N TYR B 140 -16.84 -10.46 2.69
CA TYR B 140 -18.24 -10.75 2.34
C TYR B 140 -18.83 -11.83 3.22
N ARG B 141 -18.01 -12.74 3.73
CA ARG B 141 -18.49 -13.67 4.75
C ARG B 141 -18.81 -12.93 6.05
N ALA B 142 -17.94 -12.01 6.46
CA ALA B 142 -18.18 -11.25 7.68
C ALA B 142 -19.46 -10.43 7.55
N ARG B 143 -19.69 -9.84 6.38
CA ARG B 143 -20.90 -9.06 6.13
C ARG B 143 -22.15 -9.91 6.28
N ALA B 144 -22.04 -11.23 6.14
CA ALA B 144 -23.16 -12.14 6.27
C ALA B 144 -23.24 -12.77 7.65
N GLY B 145 -22.40 -12.37 8.59
CA GLY B 145 -22.47 -12.88 9.95
C GLY B 145 -21.34 -13.79 10.37
N GLU B 146 -20.54 -14.30 9.44
CA GLU B 146 -19.46 -15.24 9.76
C GLU B 146 -18.14 -14.48 9.67
N ALA B 147 -17.72 -13.89 10.81
CA ALA B 147 -16.62 -12.96 10.81
C ALA B 147 -15.35 -13.48 11.47
N ALA B 148 -15.36 -14.71 12.00
CA ALA B 148 -14.18 -15.22 12.69
C ALA B 148 -12.95 -15.20 11.78
N ASN B 149 -13.09 -15.67 10.53
CA ASN B 149 -11.92 -15.70 9.65
C ASN B 149 -11.43 -14.31 9.28
N PHE B 150 -12.36 -13.40 8.96
CA PHE B 150 -12.00 -12.02 8.65
C PHE B 150 -11.18 -11.41 9.78
N CYS B 151 -11.64 -11.58 11.03
CA CYS B 151 -10.93 -11.03 12.17
C CYS B 151 -9.54 -11.64 12.30
N ALA B 152 -9.42 -12.94 12.05
CA ALA B 152 -8.10 -13.57 12.15
C ALA B 152 -7.17 -13.02 11.08
N LEU B 153 -7.70 -12.81 9.87
CA LEU B 153 -6.91 -12.24 8.78
C LEU B 153 -6.50 -10.81 9.09
N ILE B 154 -7.44 -9.99 9.60
CA ILE B 154 -7.09 -8.62 9.97
C ILE B 154 -5.91 -8.63 10.94
N LEU B 155 -5.99 -9.46 11.97
CA LEU B 155 -4.88 -9.58 12.91
C LEU B 155 -3.58 -9.96 12.20
N ALA B 156 -3.64 -10.95 11.31
CA ALA B 156 -2.43 -11.40 10.65
C ALA B 156 -1.86 -10.30 9.77
N TYR B 157 -2.70 -9.68 8.94
CA TYR B 157 -2.18 -8.62 8.07
C TYR B 157 -1.66 -7.44 8.86
N CYS B 158 -2.23 -7.13 10.02
CA CYS B 158 -1.78 -6.01 10.83
C CYS B 158 -0.62 -6.39 11.75
N ASN B 159 -0.16 -7.64 11.67
CA ASN B 159 0.95 -8.12 12.52
C ASN B 159 0.62 -7.92 14.00
N LYS B 160 -0.62 -8.24 14.37
CA LYS B 160 -1.07 -8.22 15.74
C LYS B 160 -1.56 -9.59 16.16
N THR B 161 -1.35 -9.92 17.41
CA THR B 161 -1.82 -11.16 18.00
C THR B 161 -3.07 -10.91 18.82
N VAL B 162 -3.84 -11.99 19.01
CA VAL B 162 -5.02 -11.92 19.86
C VAL B 162 -4.59 -11.43 21.22
N GLY B 163 -5.29 -10.43 21.74
CA GLY B 163 -5.01 -9.87 23.04
C GLY B 163 -4.15 -8.62 23.04
N GLU B 164 -3.43 -8.34 21.97
CA GLU B 164 -2.63 -7.12 21.90
C GLU B 164 -3.54 -5.92 21.78
N LEU B 165 -3.19 -4.83 22.46
CA LEU B 165 -3.98 -3.62 22.36
C LEU B 165 -3.88 -3.05 20.97
N GLY B 166 -5.01 -2.61 20.42
CA GLY B 166 -5.07 -2.18 19.04
C GLY B 166 -5.77 -0.84 18.88
N ASP B 167 -5.57 -0.27 17.70
CA ASP B 167 -6.01 1.08 17.35
C ASP B 167 -6.84 0.99 16.09
N VAL B 168 -8.06 1.51 16.14
CA VAL B 168 -8.96 1.39 15.00
C VAL B 168 -8.39 2.10 13.78
N ARG B 169 -7.92 3.35 13.97
CA ARG B 169 -7.40 4.12 12.85
C ARG B 169 -6.25 3.41 12.17
N GLU B 170 -5.27 2.95 12.95
CA GLU B 170 -4.18 2.16 12.40
C GLU B 170 -4.72 0.97 11.60
N THR B 171 -5.60 0.20 12.24
CA THR B 171 -6.13 -1.02 11.61
C THR B 171 -6.79 -0.70 10.29
N MET B 172 -7.60 0.36 10.26
CA MET B 172 -8.26 0.74 9.02
C MET B 172 -7.24 1.16 7.96
N SER B 173 -6.21 1.93 8.38
CA SER B 173 -5.20 2.36 7.45
C SER B 173 -4.51 1.17 6.78
N TYR B 174 -4.12 0.18 7.59
CA TYR B 174 -3.36 -0.94 7.03
C TYR B 174 -4.25 -1.81 6.15
N LEU B 175 -5.55 -1.90 6.46
CA LEU B 175 -6.48 -2.58 5.57
C LEU B 175 -6.71 -1.77 4.29
N PHE B 176 -6.81 -0.44 4.42
CA PHE B 176 -6.93 0.39 3.21
C PHE B 176 -5.72 0.18 2.29
N GLN B 177 -4.55 -0.07 2.86
CA GLN B 177 -3.37 -0.29 2.06
C GLN B 177 -3.36 -1.65 1.38
N HIS B 178 -4.37 -2.49 1.60
CA HIS B 178 -4.55 -3.73 0.86
C HIS B 178 -5.79 -3.68 -0.02
N ALA B 179 -6.32 -2.48 -0.27
CA ALA B 179 -7.51 -2.29 -1.07
C ALA B 179 -7.19 -1.50 -2.33
N ASN B 180 -8.09 -1.59 -3.32
CA ASN B 180 -7.95 -0.84 -4.55
C ASN B 180 -8.63 0.51 -4.35
N LEU B 181 -7.84 1.53 -4.05
CA LEU B 181 -8.34 2.90 -3.93
C LEU B 181 -7.77 3.81 -5.00
N ASP B 182 -7.37 3.24 -6.14
CA ASP B 182 -6.58 3.99 -7.12
C ASP B 182 -7.31 5.22 -7.64
N SER B 183 -8.63 5.16 -7.73
CA SER B 183 -9.41 6.28 -8.25
C SER B 183 -9.74 7.34 -7.20
N CYS B 184 -9.40 7.12 -5.94
CA CYS B 184 -9.66 8.12 -4.90
C CYS B 184 -8.68 9.28 -5.03
N LYS B 185 -9.17 10.49 -4.78
CA LYS B 185 -8.39 11.70 -4.98
C LYS B 185 -8.81 12.77 -3.98
N ARG B 186 -7.81 13.47 -3.43
CA ARG B 186 -8.04 14.71 -2.70
C ARG B 186 -7.11 15.76 -3.29
N VAL B 187 -7.70 16.83 -3.81
CA VAL B 187 -6.94 17.93 -4.39
C VAL B 187 -6.92 19.08 -3.38
N LEU B 188 -5.72 19.57 -3.09
CA LEU B 188 -5.49 20.68 -2.18
C LEU B 188 -5.00 21.87 -2.97
N ASN B 189 -5.68 23.00 -2.81
CA ASN B 189 -5.31 24.25 -3.44
C ASN B 189 -5.01 25.31 -2.40
N VAL B 190 -3.85 25.97 -2.54
CA VAL B 190 -3.44 26.97 -1.58
C VAL B 190 -4.31 28.20 -1.76
N VAL B 191 -4.77 28.76 -0.65
CA VAL B 191 -5.45 30.05 -0.64
C VAL B 191 -4.40 31.08 -0.29
N CYS B 192 -3.98 31.87 -1.27
CA CYS B 192 -2.94 32.86 -1.10
C CYS B 192 -3.31 34.12 -1.87
N LYS B 193 -2.57 35.17 -1.61
CA LYS B 193 -2.73 36.43 -2.33
C LYS B 193 -1.64 36.65 -3.35
N THR B 194 -0.44 36.10 -3.14
CA THR B 194 0.72 36.41 -3.95
C THR B 194 1.44 35.19 -4.52
N CYS B 195 0.90 33.99 -4.32
CA CYS B 195 1.62 32.77 -4.70
C CYS B 195 1.17 32.14 -6.02
N GLY B 196 0.08 32.63 -6.62
CA GLY B 196 -0.43 32.01 -7.83
C GLY B 196 -1.18 30.71 -7.53
N GLN B 197 -1.33 29.90 -8.57
CA GLN B 197 -1.99 28.61 -8.42
C GLN B 197 -0.99 27.60 -7.85
N GLN B 198 -1.26 27.11 -6.66
CA GLN B 198 -0.45 26.07 -6.04
C GLN B 198 -1.39 24.94 -5.61
N GLN B 199 -1.19 23.77 -6.19
CA GLN B 199 -2.07 22.64 -5.98
C GLN B 199 -1.25 21.39 -5.83
N THR B 200 -1.68 20.49 -4.94
CA THR B 200 -1.13 19.15 -4.84
C THR B 200 -2.27 18.17 -4.68
N THR B 201 -2.08 16.98 -5.24
CA THR B 201 -3.10 15.97 -5.30
C THR B 201 -2.65 14.72 -4.55
N LEU B 202 -3.51 14.26 -3.66
CA LEU B 202 -3.34 12.96 -2.98
C LEU B 202 -4.19 11.95 -3.72
N LYS B 203 -3.57 10.87 -4.21
CA LYS B 203 -4.28 9.79 -4.87
C LYS B 203 -4.10 8.51 -4.08
N GLY B 204 -5.14 7.66 -4.09
CA GLY B 204 -5.06 6.41 -3.37
C GLY B 204 -5.35 6.54 -1.89
N VAL B 205 -4.63 5.78 -1.07
CA VAL B 205 -4.97 5.65 0.34
C VAL B 205 -4.85 6.97 1.09
N GLU B 206 -3.89 7.83 0.71
CA GLU B 206 -3.74 9.12 1.38
C GLU B 206 -5.00 9.98 1.24
N ALA B 207 -5.77 9.77 0.17
CA ALA B 207 -6.95 10.58 -0.07
C ALA B 207 -8.14 10.23 0.84
N VAL B 208 -8.17 9.04 1.43
CA VAL B 208 -9.34 8.63 2.22
C VAL B 208 -9.11 8.78 3.71
N MET B 209 -7.99 9.39 4.13
CA MET B 209 -7.66 9.54 5.53
C MET B 209 -7.20 10.96 5.80
N TYR B 210 -7.49 11.45 7.02
CA TYR B 210 -7.02 12.76 7.45
C TYR B 210 -6.87 12.79 8.96
N MET B 211 -5.80 13.41 9.44
CA MET B 211 -5.53 13.53 10.87
C MET B 211 -5.49 14.98 11.29
N GLY B 212 -6.18 15.30 12.39
CA GLY B 212 -6.14 16.63 12.97
C GLY B 212 -7.48 17.13 13.46
N THR B 213 -8.54 16.82 12.71
CA THR B 213 -9.90 17.23 13.07
C THR B 213 -10.87 16.11 12.70
N LEU B 214 -12.03 16.14 13.34
CA LEU B 214 -13.08 15.16 13.05
C LEU B 214 -14.13 15.65 12.08
N SER B 215 -14.28 16.95 11.88
CA SER B 215 -15.44 17.51 11.21
C SER B 215 -15.18 17.62 9.72
N TYR B 216 -16.00 16.92 8.92
CA TYR B 216 -15.92 17.10 7.47
C TYR B 216 -16.45 18.47 7.07
N GLU B 217 -17.50 18.95 7.75
CA GLU B 217 -18.06 20.25 7.42
C GLU B 217 -16.98 21.33 7.47
N GLN B 218 -16.14 21.29 8.51
CA GLN B 218 -15.04 22.25 8.61
C GLN B 218 -13.95 21.97 7.60
N PHE B 219 -13.60 20.69 7.42
CA PHE B 219 -12.51 20.29 6.54
C PHE B 219 -12.74 20.77 5.11
N LYS B 220 -13.96 20.63 4.58
CA LYS B 220 -14.21 21.06 3.20
C LYS B 220 -14.23 22.58 3.09
N LYS B 221 -14.70 23.28 4.13
CA LYS B 221 -14.65 24.74 4.12
C LYS B 221 -13.20 25.24 4.09
N GLY B 222 -12.30 24.55 4.78
CA GLY B 222 -10.89 24.87 4.72
C GLY B 222 -10.04 24.24 5.79
N VAL B 223 -8.74 24.09 5.52
CA VAL B 223 -7.83 23.39 6.41
C VAL B 223 -6.53 24.19 6.58
N THR B 234 -0.93 27.83 4.41
CA THR B 234 -1.65 27.56 5.65
C THR B 234 -3.14 27.30 5.38
N LYS B 235 -3.71 28.09 4.47
CA LYS B 235 -5.11 27.95 4.06
C LYS B 235 -5.20 27.19 2.74
N TYR B 236 -6.08 26.17 2.71
CA TYR B 236 -6.23 25.29 1.57
C TYR B 236 -7.71 25.06 1.27
N LEU B 237 -8.09 25.20 0.01
CA LEU B 237 -9.37 24.66 -0.47
C LEU B 237 -9.19 23.20 -0.87
N VAL B 238 -10.17 22.38 -0.51
CA VAL B 238 -10.10 20.93 -0.65
C VAL B 238 -11.18 20.45 -1.61
N GLN B 239 -10.79 19.57 -2.52
CA GLN B 239 -11.72 18.82 -3.35
C GLN B 239 -11.55 17.35 -3.06
N GLN B 240 -12.62 16.71 -2.59
CA GLN B 240 -12.58 15.34 -2.10
C GLN B 240 -13.39 14.44 -3.02
N GLU B 241 -12.75 13.38 -3.53
CA GLU B 241 -13.38 12.43 -4.44
C GLU B 241 -12.98 11.02 -3.99
N SER B 242 -13.84 10.40 -3.21
CA SER B 242 -13.63 9.05 -2.72
C SER B 242 -14.96 8.52 -2.22
N PRO B 243 -15.12 7.19 -2.15
CA PRO B 243 -16.38 6.64 -1.61
C PRO B 243 -16.55 6.93 -0.12
N PHE B 244 -15.48 7.19 0.62
CA PHE B 244 -15.55 7.44 2.05
C PHE B 244 -14.31 8.22 2.45
N VAL B 245 -14.35 8.81 3.63
CA VAL B 245 -13.17 9.44 4.22
C VAL B 245 -13.18 9.18 5.71
N MET B 246 -12.00 8.89 6.26
CA MET B 246 -11.79 8.70 7.69
C MET B 246 -11.08 9.94 8.25
N MET B 247 -11.70 10.60 9.23
CA MET B 247 -11.14 11.74 9.93
C MET B 247 -10.81 11.31 11.36
N SER B 248 -9.61 11.63 11.83
CA SER B 248 -9.18 11.24 13.17
C SER B 248 -8.56 12.43 13.89
N ALA B 249 -8.68 12.42 15.21
CA ALA B 249 -8.14 13.47 16.07
C ALA B 249 -7.97 12.90 17.46
N PRO B 250 -7.21 13.57 18.32
CA PRO B 250 -7.10 13.10 19.72
C PRO B 250 -8.46 12.97 20.36
N PRO B 251 -8.70 11.91 21.14
CA PRO B 251 -9.99 11.78 21.83
C PRO B 251 -10.31 13.04 22.62
N ALA B 252 -11.49 13.61 22.35
CA ALA B 252 -11.94 14.82 23.00
C ALA B 252 -13.45 14.78 23.00
N GLN B 253 -14.05 15.37 24.03
CA GLN B 253 -15.50 15.48 24.07
C GLN B 253 -15.98 16.13 22.79
N TYR B 254 -16.95 15.48 22.15
CA TYR B 254 -17.38 15.83 20.80
C TYR B 254 -18.82 15.40 20.66
N GLU B 255 -19.64 16.25 20.06
CA GLU B 255 -21.05 15.97 19.86
C GLU B 255 -21.26 15.40 18.47
N LEU B 256 -21.85 14.21 18.41
CA LEU B 256 -22.16 13.57 17.15
C LEU B 256 -23.60 13.90 16.83
N LYS B 257 -23.81 14.70 15.81
CA LYS B 257 -25.16 15.12 15.44
C LYS B 257 -25.69 14.11 14.43
N HIS B 258 -26.87 13.58 14.72
CA HIS B 258 -27.48 12.59 13.86
C HIS B 258 -27.61 13.10 12.43
N GLY B 259 -27.18 12.26 11.48
CA GLY B 259 -27.32 12.58 10.08
C GLY B 259 -26.16 13.34 9.49
N THR B 260 -25.18 13.73 10.30
CA THR B 260 -24.06 14.53 9.83
C THR B 260 -22.82 13.69 9.62
N PHE B 261 -22.94 12.36 9.76
CA PHE B 261 -21.83 11.44 9.63
C PHE B 261 -22.38 10.04 9.41
N THR B 262 -21.49 9.12 9.03
CA THR B 262 -21.89 7.73 8.83
C THR B 262 -21.67 6.92 10.11
N CYS B 263 -20.44 6.90 10.63
CA CYS B 263 -20.19 6.20 11.89
C CYS B 263 -18.92 6.78 12.49
N ALA B 264 -18.67 6.42 13.76
CA ALA B 264 -17.57 7.03 14.49
C ALA B 264 -17.04 6.08 15.56
N SER B 265 -15.81 6.33 15.98
CA SER B 265 -15.15 5.60 17.05
C SER B 265 -15.04 6.47 18.29
N GLU B 266 -15.54 5.95 19.42
CA GLU B 266 -15.31 6.56 20.72
C GLU B 266 -14.19 5.77 21.41
N TYR B 267 -13.29 6.47 22.09
CA TYR B 267 -12.21 5.83 22.83
C TYR B 267 -12.10 6.48 24.20
N THR B 268 -12.23 5.67 25.24
CA THR B 268 -12.04 6.11 26.62
C THR B 268 -10.74 5.57 27.18
N GLY B 269 -10.16 6.31 28.13
CA GLY B 269 -8.86 5.94 28.65
C GLY B 269 -8.87 4.64 29.40
N ASN B 270 -9.89 4.43 30.24
CA ASN B 270 -10.12 3.18 30.93
C ASN B 270 -8.85 2.67 31.63
N TYR B 271 -8.35 3.46 32.55
CA TYR B 271 -7.20 3.05 33.38
C TYR B 271 -6.00 2.65 32.53
N GLN B 272 -5.81 3.35 31.41
CA GLN B 272 -4.71 3.16 30.44
C GLN B 272 -4.80 1.83 29.72
N CYS B 273 -5.89 1.10 29.89
CA CYS B 273 -6.14 -0.11 29.13
C CYS B 273 -7.00 0.20 27.90
N GLY B 274 -7.77 1.29 27.95
CA GLY B 274 -8.59 1.73 26.83
C GLY B 274 -9.89 0.96 26.67
N HIS B 275 -10.82 1.58 25.95
CA HIS B 275 -12.01 0.88 25.47
C HIS B 275 -12.61 1.65 24.31
N TYR B 276 -12.95 0.93 23.23
CA TYR B 276 -13.63 1.54 22.10
C TYR B 276 -15.13 1.26 22.15
N LYS B 277 -15.91 2.23 21.64
CA LYS B 277 -17.28 2.00 21.26
C LYS B 277 -17.48 2.56 19.84
N HIS B 278 -18.49 2.05 19.17
CA HIS B 278 -18.83 2.43 17.81
C HIS B 278 -20.19 3.13 17.80
N ILE B 279 -20.28 4.30 17.17
CA ILE B 279 -21.55 4.99 17.00
C ILE B 279 -21.84 5.06 15.52
N THR B 280 -23.02 4.59 15.12
CA THR B 280 -23.45 4.65 13.73
C THR B 280 -24.76 5.42 13.67
N SER B 281 -24.91 6.20 12.60
CA SER B 281 -26.06 7.06 12.42
C SER B 281 -27.00 6.39 11.42
N LYS B 282 -28.11 5.85 11.91
CA LYS B 282 -29.13 5.25 11.06
C LYS B 282 -30.37 6.14 11.11
N GLU B 283 -31.52 5.60 11.47
CA GLU B 283 -32.68 6.47 11.72
C GLU B 283 -32.52 7.19 13.05
N THR B 284 -31.62 6.71 13.89
CA THR B 284 -31.23 7.36 15.14
C THR B 284 -29.80 6.94 15.42
N LEU B 285 -29.28 7.39 16.55
CA LEU B 285 -27.89 7.06 16.89
C LEU B 285 -27.87 5.71 17.60
N TYR B 286 -27.06 4.79 17.09
CA TYR B 286 -26.83 3.49 17.71
C TYR B 286 -25.40 3.48 18.25
N CYS B 287 -25.26 3.23 19.55
CA CYS B 287 -23.96 3.03 20.16
C CYS B 287 -23.79 1.54 20.38
N ILE B 288 -22.98 0.91 19.54
CA ILE B 288 -22.73 -0.53 19.59
C ILE B 288 -21.41 -0.72 20.32
N ASP B 289 -21.48 -1.39 21.46
CA ASP B 289 -20.35 -1.64 22.35
C ASP B 289 -20.24 -3.16 22.50
N GLY B 290 -19.61 -3.78 21.50
CA GLY B 290 -19.57 -5.23 21.43
C GLY B 290 -20.95 -5.82 21.23
N ALA B 291 -21.40 -6.60 22.19
CA ALA B 291 -22.74 -7.17 22.14
C ALA B 291 -23.80 -6.20 22.64
N LEU B 292 -23.38 -5.07 23.20
CA LEU B 292 -24.27 -4.11 23.84
C LEU B 292 -24.71 -3.05 22.84
N LEU B 293 -25.94 -2.57 23.02
CA LEU B 293 -26.53 -1.57 22.15
C LEU B 293 -27.29 -0.54 22.97
N THR B 294 -27.03 0.74 22.71
CA THR B 294 -27.75 1.84 23.34
C THR B 294 -28.14 2.80 22.25
N LYS B 295 -29.44 3.06 22.11
CA LYS B 295 -29.93 4.00 21.12
C LYS B 295 -30.16 5.36 21.78
N SER B 296 -29.92 6.42 21.02
CA SER B 296 -30.12 7.76 21.57
C SER B 296 -30.32 8.73 20.41
N SER B 297 -30.93 9.87 20.71
CA SER B 297 -31.09 10.90 19.70
C SER B 297 -29.88 11.83 19.66
N GLU B 298 -29.18 11.99 20.77
CA GLU B 298 -27.95 12.77 20.86
C GLU B 298 -26.86 11.86 21.42
N TYR B 299 -25.61 12.21 21.10
CA TYR B 299 -24.46 11.49 21.65
C TYR B 299 -23.31 12.47 21.83
N LYS B 300 -22.70 12.47 23.01
CA LYS B 300 -21.49 13.23 23.28
C LYS B 300 -20.53 12.29 24.00
N GLY B 301 -19.30 12.24 23.51
CA GLY B 301 -18.28 11.39 24.09
C GLY B 301 -16.91 11.71 23.55
N PRO B 302 -15.89 11.01 24.05
CA PRO B 302 -14.54 11.24 23.53
C PRO B 302 -14.34 10.53 22.19
N ILE B 303 -14.67 11.21 21.11
CA ILE B 303 -14.60 10.66 19.76
C ILE B 303 -13.21 10.87 19.20
N THR B 304 -12.71 9.87 18.46
CA THR B 304 -11.38 9.94 17.87
C THR B 304 -11.33 9.63 16.39
N ASP B 305 -12.34 8.93 15.84
CA ASP B 305 -12.46 8.76 14.39
C ASP B 305 -13.91 9.07 14.01
N VAL B 306 -14.10 9.69 12.85
CA VAL B 306 -15.42 9.84 12.26
C VAL B 306 -15.32 9.49 10.79
N PHE B 307 -16.28 8.71 10.30
CA PHE B 307 -16.29 8.27 8.92
C PHE B 307 -17.46 8.88 8.18
N TYR B 308 -17.19 9.32 6.96
CA TYR B 308 -18.18 9.95 6.10
C TYR B 308 -18.18 9.21 4.76
N LYS B 309 -19.36 9.06 4.19
CA LYS B 309 -19.57 8.29 2.98
C LYS B 309 -20.05 9.22 1.88
N GLU B 310 -19.58 8.97 0.64
CA GLU B 310 -19.86 9.89 -0.46
C GLU B 310 -21.29 9.79 -0.97
N ASN B 311 -21.83 8.57 -1.12
CA ASN B 311 -23.20 8.37 -1.59
C ASN B 311 -23.46 9.06 -2.93
N SER B 312 -22.67 8.66 -3.94
CA SER B 312 -22.81 9.18 -5.29
C SER B 312 -22.83 10.71 -5.31
C10 A1A0T C . 2.75 19.84 -9.80
C11 A1A0T C . 3.41 18.74 -10.63
C12 A1A0T C . 2.38 18.40 -11.67
C13 A1A0T C . 1.06 18.53 -10.98
C14 A1A0T C . 1.25 19.49 -9.81
C15 A1A0T C . 4.80 20.22 -8.40
C16 A1A0T C . 5.36 20.26 -7.01
C18 A1A0T C . 2.78 21.08 -3.20
C19 A1A0T C . 2.46 20.86 -1.85
C20 A1A0T C . 3.15 19.93 -1.04
C21 A1A0T C . 2.80 19.74 0.27
N A1A0T C . 3.32 19.96 -8.41
C A1A0T C . 0.39 20.74 2.68
O A1A0T C . 1.47 20.10 2.11
C1 A1A0T C . 1.75 20.44 0.81
C17 A1A0T C . 4.66 21.32 -6.16
C2 A1A0T C . 1.05 21.37 0.08
C3 A1A0T C . 1.41 21.60 -1.27
C4 A1A0T C . 0.72 22.54 -2.08
C5 A1A0T C . 1.05 22.71 -3.39
C6 A1A0T C . 2.09 21.99 -3.97
C7 A1A0T C . 2.45 22.20 -5.39
C8 A1A0T C . 3.14 21.09 -6.16
C9 A1A0T C . 2.62 21.04 -7.59
O1 A1A0T C . 2.14 23.23 -5.95
H10 A1A0T C . 2.90 20.80 -10.30
H11 A1A0T C . 3.69 17.87 -10.04
H12 A1A0T C . 4.34 19.07 -11.10
H14 A1A0T C . 2.53 17.40 -12.07
H13 A1A0T C . 2.45 19.06 -12.53
H15 A1A0T C . 0.69 17.56 -10.64
H16 A1A0T C . 0.29 18.89 -11.66
H17 A1A0T C . 0.94 19.03 -8.87
H18 A1A0T C . 0.62 20.36 -9.92
H19 A1A0T C . 5.02 21.16 -8.91
H20 A1A0T C . 5.33 19.47 -9.00
H21 A1A0T C . 6.44 20.42 -7.05
H22 A1A0T C . 5.27 19.27 -6.56
H25 A1A0T C . 3.59 20.50 -3.64
H26 A1A0T C . 3.97 19.37 -1.48
H27 A1A0T C . 3.41 19.01 0.81
H1 A1A0T C . 0.37 20.32 3.69
H3 A1A0T C . -0.42 20.45 2.03
H2 A1A0T C . 0.69 21.79 2.63
H24 A1A0T C . 4.89 22.32 -6.52
H23 A1A0T C . 5.04 21.32 -5.13
H4 A1A0T C . 0.22 21.92 0.54
H5 A1A0T C . -0.10 23.12 -1.63
H6 A1A0T C . 0.49 23.43 -3.99
H7 A1A0T C . 2.93 20.16 -5.65
H9 A1A0T C . 2.75 21.99 -8.10
H8 A1A0T C . 1.55 20.84 -7.61
H A1A0T C . 3.20 19.07 -7.94
C1 SIN D . 9.31 20.75 -17.48
O1 SIN D . 9.20 21.47 -18.51
O2 SIN D . 10.39 20.77 -16.86
C2 SIN D . 8.17 19.88 -16.99
C3 SIN D . 8.66 18.41 -16.83
C4 SIN D . 8.04 17.84 -15.57
O3 SIN D . 6.88 18.16 -15.23
O4 SIN D . 8.70 17.05 -14.87
H21 SIN D . 7.35 19.92 -17.70
H22 SIN D . 7.82 20.25 -16.03
H31 SIN D . 9.74 18.37 -16.77
H32 SIN D . 8.35 17.82 -17.69
C10 A1A0T E . -4.76 3.61 21.44
C11 A1A0T E . -5.21 2.23 20.98
C12 A1A0T E . -4.13 1.32 21.47
C13 A1A0T E . -2.86 2.09 21.33
C14 A1A0T E . -3.23 3.58 21.36
C15 A1A0T E . -6.87 4.66 20.66
C16 A1A0T E . -7.50 5.75 19.83
C18 A1A0T E . -5.34 9.61 18.50
C19 A1A0T E . -5.05 10.57 17.50
C20 A1A0T E . -5.70 10.59 16.25
C21 A1A0T E . -5.40 11.55 15.33
N A1A0T E . -5.37 4.74 20.63
C A1A0T E . -3.10 14.21 14.73
O A1A0T E . -4.16 13.33 14.54
C1 A1A0T E . -4.44 12.51 15.60
C17 A1A0T E . -7.05 7.13 20.30
C2 A1A0T E . -3.79 12.54 16.81
C3 A1A0T E . -4.10 11.57 17.79
C4 A1A0T E . -3.47 11.58 19.07
C5 A1A0T E . -3.78 10.63 19.99
C6 A1A0T E . -4.71 9.62 19.72
C7 A1A0T E . -5.02 8.57 20.73
C8 A1A0T E . -5.53 7.22 20.28
C9 A1A0T E . -4.93 6.10 21.12
O1 A1A0T E . -4.79 8.79 21.90
H10 A1A0T E . -5.05 3.76 22.47
H11 A1A0T E . -5.32 2.15 19.90
H12 A1A0T E . -6.18 1.94 21.38
H14 A1A0T E . -4.10 0.39 20.91
H13 A1A0T E . -4.31 1.02 22.50
H15 A1A0T E . -2.33 1.83 20.42
H16 A1A0T E . -2.15 1.85 22.14
H17 A1A0T E . -2.84 4.09 20.47
H18 A1A0T E . -2.75 4.08 22.20
H19 A1A0T E . -7.23 4.73 21.69
H20 A1A0T E . -7.22 3.69 20.32
H21 A1A0T E . -8.58 5.65 19.86
H22 A1A0T E . -7.24 5.59 18.78
H25 A1A0T E . -6.07 8.83 18.26
H26 A1A0T E . -6.43 9.82 16.03
H27 A1A0T E . -5.97 11.51 14.39
H1 A1A0T E . -3.08 14.74 13.77
H3 A1A0T E . -2.27 13.55 14.93
H2 A1A0T E . -3.45 14.80 15.58
H24 A1A0T E . -7.44 7.35 21.29
H23 A1A0T E . -7.48 7.91 19.67
H4 A1A0T E . -3.04 13.30 17.01
H5 A1A0T E . -2.74 12.35 19.30
H6 A1A0T E . -3.29 10.65 20.97
H7 A1A0T E . -5.20 7.11 19.25
H9 A1A0T E . -5.20 6.20 22.17
H8 A1A0T E . -3.84 6.13 21.11
H A1A0T E . -5.09 4.63 19.66
C1 SIN F . -9.86 -3.43 23.66
O1 SIN F . -10.82 -4.22 23.73
O2 SIN F . -9.65 -2.80 22.58
C2 SIN F . -8.97 -3.28 24.87
C3 SIN F . -9.57 -2.29 25.87
C4 SIN F . -10.94 -2.64 26.43
O3 SIN F . -11.96 -2.49 25.75
O4 SIN F . -11.09 -2.99 27.62
H21 SIN F . -7.99 -2.92 24.55
H22 SIN F . -8.85 -4.24 25.35
H31 SIN F . -9.63 -1.32 25.38
H32 SIN F . -8.88 -2.20 26.70
#